data_4BJ6
#
_entry.id   4BJ6
#
_cell.length_a   108.250
_cell.length_b   112.680
_cell.length_c   140.790
_cell.angle_alpha   90.00
_cell.angle_beta   90.00
_cell.angle_gamma   90.00
#
_symmetry.space_group_name_H-M   'P 21 21 21'
#
loop_
_entity.id
_entity.type
_entity.pdbx_description
1 polymer 'RAP1-INTERACTING FACTOR 2'
2 polymer 'DNA-BINDING PROTEIN RAP1'
3 polymer 'RAP1-INTERACTING FACTOR 2'
4 non-polymer 'SULFATE ION'
#
loop_
_entity_poly.entity_id
_entity_poly.type
_entity_poly.pdbx_seq_one_letter_code
_entity_poly.pdbx_strand_id
1 'polypeptide(L)'
;GGGRNFTVLRKLNLVPIKKSVSSPKVCKPSPVKERVDHVFYQKFKSMALQELGTNYLSISYVPSLSKFLSKNLRSMKNCI
VFFDKVEHIHQYAGIDRAVSETLSLVDINVVIIEMNDYLMKEGIQSSKSKECIESMGQASYSGQLDFEASEKPSNHTSDL
MMMVMRKINNDESIDHIVYFKFEQLDKLSTSTIIEPSKLTEFINVLSVLEKSNNIAFKVLIYSNNVSISSLLSTSLKKKL
NTKYTVFEMPILTCAQEQEYLKKMIKFTFDSGSKLLQSYNSLVTCQLNNKESNLAIFFEFLKVFPHPFTYLFNAYTEIIV
QSRTFDELLDKIRNRLTIKNYPHSAYNFKKNQRLPLKLTRKVHDR
;
A,B
2 'polypeptide(L)'
;GASNSYAIPENELLDEDTMNFISSLKNDLSNISNSLPFEYPHEIAEAIRSDFSNEDIYDNIDPDTISFPPKIATTDLFLP
LFFHFGSTRQFMDKLHEVISGDYEPSQAEKLVQDLCDETGIRKNFSTSILTCLSGDLMVFPRYFLNMFKDNVNPPPNVPG
IWTHDDDESLKSNDQEQIRKLVKKHGTGRMEMRKRFFEKDLL
;
C,E
3 'polypeptide(L)' FTVLRKLNLVPIK D,F
#
loop_
_chem_comp.id
_chem_comp.type
_chem_comp.name
_chem_comp.formula
SO4 non-polymer 'SULFATE ION' 'O4 S -2'
#
# COMPACT_ATOMS: atom_id res chain seq x y z
N SER A 30 -34.70 9.63 -40.86
CA SER A 30 -33.92 10.60 -40.09
C SER A 30 -32.72 9.92 -39.37
N PRO A 31 -31.47 9.96 -39.98
CA PRO A 31 -30.31 9.27 -39.36
C PRO A 31 -29.99 9.73 -37.93
N VAL A 32 -29.28 8.87 -37.19
CA VAL A 32 -28.93 9.09 -35.79
C VAL A 32 -27.68 9.98 -35.63
N LYS A 33 -27.60 10.64 -34.44
CA LYS A 33 -26.50 11.48 -34.00
C LYS A 33 -25.31 10.59 -33.75
N GLU A 34 -24.09 11.09 -34.00
CA GLU A 34 -22.86 10.34 -33.78
C GLU A 34 -22.79 9.85 -32.32
N ARG A 35 -23.23 10.73 -31.39
CA ARG A 35 -23.23 10.53 -29.94
C ARG A 35 -24.00 9.25 -29.53
N VAL A 36 -24.87 8.74 -30.42
CA VAL A 36 -25.73 7.62 -30.08
C VAL A 36 -25.77 6.54 -31.23
N ASP A 37 -24.78 6.59 -32.13
CA ASP A 37 -24.61 5.60 -33.19
C ASP A 37 -23.68 4.50 -32.69
N HIS A 38 -24.04 3.23 -32.99
CA HIS A 38 -23.29 2.05 -32.57
C HIS A 38 -22.03 1.82 -33.40
N VAL A 39 -22.11 2.06 -34.72
CA VAL A 39 -20.95 1.91 -35.59
C VAL A 39 -19.91 2.99 -35.21
N PHE A 40 -20.36 4.19 -34.75
CA PHE A 40 -19.43 5.24 -34.31
C PHE A 40 -18.71 4.77 -33.05
N TYR A 41 -19.49 4.25 -32.06
CA TYR A 41 -18.92 3.76 -30.81
C TYR A 41 -17.96 2.60 -31.07
N GLN A 42 -18.29 1.70 -32.02
CA GLN A 42 -17.42 0.56 -32.38
C GLN A 42 -16.00 1.06 -32.71
N LYS A 43 -15.90 2.14 -33.54
CA LYS A 43 -14.65 2.78 -33.94
C LYS A 43 -13.99 3.41 -32.70
N PHE A 44 -14.72 4.34 -32.03
CA PHE A 44 -14.28 5.05 -30.83
C PHE A 44 -13.72 4.10 -29.77
N LYS A 45 -14.46 3.00 -29.46
CA LYS A 45 -14.16 1.94 -28.50
C LYS A 45 -12.79 1.40 -28.74
N SER A 46 -12.51 1.02 -30.01
CA SER A 46 -11.24 0.43 -30.42
C SER A 46 -10.11 1.42 -30.24
N MET A 47 -10.35 2.66 -30.64
CA MET A 47 -9.41 3.78 -30.55
C MET A 47 -9.09 4.15 -29.13
N ALA A 48 -10.12 4.14 -28.24
CA ALA A 48 -10.05 4.46 -26.83
C ALA A 48 -9.20 3.42 -26.13
N LEU A 49 -9.53 2.10 -26.36
CA LEU A 49 -8.80 0.98 -25.80
C LEU A 49 -7.33 1.06 -26.21
N GLN A 50 -7.06 1.40 -27.48
CA GLN A 50 -5.70 1.55 -28.02
C GLN A 50 -4.92 2.60 -27.22
N GLU A 51 -5.46 3.83 -27.14
CA GLU A 51 -4.85 4.96 -26.43
C GLU A 51 -4.75 4.65 -24.93
N LEU A 52 -5.75 3.94 -24.33
CA LEU A 52 -5.73 3.63 -22.89
C LEU A 52 -4.50 2.77 -22.55
N GLY A 53 -4.26 1.73 -23.34
CA GLY A 53 -3.12 0.86 -23.18
C GLY A 53 -1.82 1.65 -23.31
N THR A 54 -1.68 2.41 -24.43
CA THR A 54 -0.53 3.25 -24.76
C THR A 54 -0.16 4.13 -23.57
N ASN A 55 -1.16 4.90 -23.04
CA ASN A 55 -1.04 5.79 -21.89
C ASN A 55 -0.58 5.02 -20.65
N TYR A 56 -1.23 3.88 -20.34
CA TYR A 56 -0.91 3.06 -19.20
C TYR A 56 0.59 2.69 -19.18
N LEU A 57 1.06 2.19 -20.34
CA LEU A 57 2.42 1.71 -20.59
C LEU A 57 3.43 2.84 -20.77
N SER A 58 3.00 4.04 -21.16
CA SER A 58 3.95 5.16 -21.25
C SER A 58 4.32 5.56 -19.83
N ILE A 59 5.60 5.65 -19.52
CA ILE A 59 5.88 6.02 -18.14
C ILE A 59 6.21 7.52 -18.22
N SER A 60 5.13 8.31 -18.46
CA SER A 60 5.11 9.74 -18.76
C SER A 60 5.90 10.59 -17.79
N TYR A 61 5.97 10.19 -16.50
CA TYR A 61 6.70 10.91 -15.48
C TYR A 61 8.25 10.64 -15.53
N VAL A 62 8.69 9.72 -16.42
CA VAL A 62 10.11 9.43 -16.66
C VAL A 62 10.30 9.47 -18.22
N PRO A 63 10.47 10.72 -18.74
CA PRO A 63 10.56 10.92 -20.20
C PRO A 63 11.88 10.46 -20.84
N SER A 64 12.97 10.45 -20.06
CA SER A 64 14.31 10.04 -20.50
C SER A 64 14.39 8.60 -20.98
N LEU A 65 13.63 7.68 -20.32
CA LEU A 65 13.59 6.23 -20.54
C LEU A 65 13.78 5.80 -21.99
N SER A 66 13.09 6.44 -22.95
CA SER A 66 13.21 6.04 -24.36
C SER A 66 14.61 6.34 -24.89
N LYS A 67 15.11 7.58 -24.68
CA LYS A 67 16.44 7.98 -25.09
C LYS A 67 17.45 7.11 -24.36
N PHE A 68 17.22 6.82 -23.07
CA PHE A 68 18.09 5.96 -22.29
C PHE A 68 18.26 4.61 -22.95
N LEU A 69 17.15 3.89 -23.15
CA LEU A 69 17.12 2.56 -23.74
C LEU A 69 17.68 2.52 -25.14
N SER A 70 17.43 3.58 -25.94
CA SER A 70 17.99 3.61 -27.29
C SER A 70 19.51 3.67 -27.23
N LYS A 71 20.07 4.61 -26.43
CA LYS A 71 21.51 4.82 -26.22
C LYS A 71 22.21 3.53 -25.73
N ASN A 72 21.59 2.82 -24.78
CA ASN A 72 22.17 1.62 -24.18
C ASN A 72 21.91 0.31 -24.93
N LEU A 73 20.77 0.15 -25.60
CA LEU A 73 20.48 -1.13 -26.25
C LEU A 73 20.87 -1.17 -27.73
N ARG A 74 20.87 -0.04 -28.41
CA ARG A 74 21.18 0.04 -29.84
C ARG A 74 22.69 0.34 -30.09
N SER A 75 23.58 -0.33 -29.34
CA SER A 75 25.02 -0.19 -29.39
C SER A 75 25.65 -1.54 -29.26
N MET A 76 26.84 -1.72 -29.85
CA MET A 76 27.59 -2.97 -29.74
C MET A 76 28.46 -2.98 -28.46
N LYS A 77 28.13 -2.07 -27.52
CA LYS A 77 28.76 -1.87 -26.22
C LYS A 77 28.04 -2.76 -25.19
N ASN A 78 28.79 -3.47 -24.31
CA ASN A 78 28.13 -4.32 -23.30
C ASN A 78 27.59 -3.44 -22.20
N CYS A 79 26.43 -3.78 -21.65
CA CYS A 79 25.89 -2.97 -20.54
C CYS A 79 25.05 -3.81 -19.58
N ILE A 80 25.06 -3.38 -18.30
CA ILE A 80 24.30 -3.96 -17.21
C ILE A 80 23.45 -2.84 -16.64
N VAL A 81 22.12 -2.97 -16.69
CA VAL A 81 21.20 -1.94 -16.20
C VAL A 81 20.37 -2.51 -15.07
N PHE A 82 20.33 -1.79 -13.95
CA PHE A 82 19.55 -2.16 -12.78
C PHE A 82 18.34 -1.23 -12.70
N PHE A 83 17.16 -1.75 -13.04
CA PHE A 83 15.94 -0.96 -12.95
C PHE A 83 15.48 -1.02 -11.51
N ASP A 84 15.92 -0.04 -10.72
CA ASP A 84 15.60 0.00 -9.30
C ASP A 84 14.34 0.79 -9.02
N LYS A 85 13.69 0.45 -7.89
CA LYS A 85 12.47 1.06 -7.40
C LYS A 85 11.29 0.80 -8.35
N VAL A 86 11.27 -0.40 -9.00
CA VAL A 86 10.15 -0.79 -9.88
C VAL A 86 9.08 -1.37 -8.95
N GLU A 87 8.28 -0.47 -8.35
CA GLU A 87 7.26 -0.81 -7.35
C GLU A 87 5.84 -0.95 -7.95
N HIS A 88 5.60 -0.47 -9.17
CA HIS A 88 4.29 -0.56 -9.82
C HIS A 88 4.27 -1.47 -11.05
N ILE A 89 3.12 -2.15 -11.27
CA ILE A 89 2.87 -3.03 -12.43
C ILE A 89 3.12 -2.25 -13.75
N HIS A 90 2.57 -1.03 -13.88
CA HIS A 90 2.74 -0.21 -15.09
C HIS A 90 4.21 0.13 -15.35
N GLN A 91 5.06 0.23 -14.30
CA GLN A 91 6.48 0.53 -14.46
C GLN A 91 7.17 -0.64 -15.12
N TYR A 92 6.98 -1.87 -14.60
CA TYR A 92 7.55 -3.07 -15.20
C TYR A 92 7.01 -3.30 -16.62
N ALA A 93 5.68 -3.36 -16.76
CA ALA A 93 5.04 -3.56 -18.07
C ALA A 93 5.53 -2.52 -19.09
N GLY A 94 5.60 -1.26 -18.65
CA GLY A 94 6.02 -0.13 -19.45
C GLY A 94 7.46 -0.21 -19.90
N ILE A 95 8.39 -0.53 -18.96
CA ILE A 95 9.83 -0.67 -19.24
C ILE A 95 10.00 -1.82 -20.24
N ASP A 96 9.41 -3.00 -19.93
CA ASP A 96 9.48 -4.17 -20.80
C ASP A 96 9.07 -3.84 -22.24
N ARG A 97 7.91 -3.15 -22.46
CA ARG A 97 7.48 -2.81 -23.82
C ARG A 97 8.47 -1.90 -24.50
N ALA A 98 9.00 -0.92 -23.77
CA ALA A 98 9.99 0.02 -24.29
C ALA A 98 11.26 -0.70 -24.74
N VAL A 99 11.68 -1.74 -23.98
CA VAL A 99 12.86 -2.54 -24.30
C VAL A 99 12.61 -3.36 -25.57
N SER A 100 11.40 -3.94 -25.68
CA SER A 100 11.01 -4.74 -26.84
C SER A 100 10.92 -3.90 -28.07
N GLU A 101 10.34 -2.71 -27.94
CA GLU A 101 10.22 -1.76 -29.04
C GLU A 101 11.61 -1.27 -29.50
N THR A 102 12.55 -1.03 -28.54
CA THR A 102 13.91 -0.56 -28.85
C THR A 102 14.67 -1.65 -29.62
N LEU A 103 14.67 -2.87 -29.08
CA LEU A 103 15.37 -3.99 -29.68
C LEU A 103 14.74 -4.39 -31.00
N SER A 104 13.44 -4.10 -31.20
CA SER A 104 12.77 -4.44 -32.46
C SER A 104 13.31 -3.60 -33.63
N LEU A 105 14.14 -2.60 -33.33
CA LEU A 105 14.72 -1.65 -34.29
C LEU A 105 16.22 -1.84 -34.48
N VAL A 106 16.75 -3.02 -34.15
CA VAL A 106 18.20 -3.16 -34.11
C VAL A 106 18.84 -3.52 -35.48
N ASP A 107 18.22 -4.43 -36.30
CA ASP A 107 18.68 -4.92 -37.64
C ASP A 107 19.79 -6.02 -37.53
N ILE A 108 20.70 -5.99 -36.50
CA ILE A 108 21.67 -7.07 -36.29
C ILE A 108 21.00 -8.13 -35.39
N ASN A 109 21.52 -9.37 -35.44
CA ASN A 109 21.00 -10.52 -34.69
C ASN A 109 20.87 -10.17 -33.17
N VAL A 110 19.66 -10.41 -32.62
CA VAL A 110 19.32 -10.20 -31.21
C VAL A 110 18.88 -11.52 -30.63
N VAL A 111 19.60 -12.01 -29.62
CA VAL A 111 19.35 -13.24 -28.91
C VAL A 111 18.72 -12.89 -27.58
N ILE A 112 17.55 -13.48 -27.26
CA ILE A 112 16.94 -13.16 -25.97
C ILE A 112 17.00 -14.39 -25.07
N ILE A 113 17.64 -14.24 -23.90
CA ILE A 113 17.79 -15.29 -22.92
C ILE A 113 17.04 -14.85 -21.66
N GLU A 114 16.07 -15.66 -21.21
CA GLU A 114 15.26 -15.41 -20.01
C GLU A 114 15.97 -16.12 -18.85
N MET A 115 16.66 -15.35 -18.03
CA MET A 115 17.51 -15.85 -16.96
C MET A 115 16.83 -16.20 -15.64
N ASN A 116 15.50 -16.08 -15.56
CA ASN A 116 14.79 -16.33 -14.31
C ASN A 116 14.80 -17.76 -13.89
N ASP A 117 14.24 -18.69 -14.69
CA ASP A 117 14.19 -20.11 -14.28
C ASP A 117 15.57 -20.79 -14.18
N TYR A 118 16.63 -20.18 -14.78
CA TYR A 118 17.98 -20.72 -14.74
C TYR A 118 18.65 -20.45 -13.38
N LEU A 119 18.69 -19.17 -12.96
CA LEU A 119 19.31 -18.68 -11.73
C LEU A 119 18.65 -19.19 -10.43
N MET A 120 17.32 -19.43 -10.42
CA MET A 120 16.59 -19.87 -9.22
C MET A 120 16.83 -21.35 -8.85
N LYS A 121 16.51 -21.69 -7.58
CA LYS A 121 16.61 -23.04 -6.99
C LYS A 121 15.31 -23.40 -6.25
N SER A 158 29.28 -26.35 -19.20
CA SER A 158 28.92 -25.01 -19.69
C SER A 158 27.58 -25.05 -20.48
N ASP A 159 26.51 -25.54 -19.80
CA ASP A 159 25.14 -25.69 -20.37
C ASP A 159 24.56 -24.35 -20.84
N LEU A 160 24.86 -23.24 -20.14
CA LEU A 160 24.39 -21.90 -20.50
C LEU A 160 25.19 -21.34 -21.68
N MET A 161 26.53 -21.45 -21.62
CA MET A 161 27.42 -20.95 -22.65
C MET A 161 27.02 -21.49 -24.02
N MET A 162 26.81 -22.80 -24.10
CA MET A 162 26.44 -23.46 -25.34
C MET A 162 25.05 -23.11 -25.77
N MET A 163 24.16 -22.87 -24.80
CA MET A 163 22.77 -22.50 -25.04
C MET A 163 22.70 -21.11 -25.70
N VAL A 164 23.60 -20.20 -25.28
CA VAL A 164 23.72 -18.86 -25.85
C VAL A 164 24.34 -18.99 -27.27
N MET A 165 25.50 -19.67 -27.38
CA MET A 165 26.24 -19.85 -28.63
C MET A 165 25.45 -20.57 -29.74
N ARG A 166 24.49 -21.45 -29.38
CA ARG A 166 23.67 -22.16 -30.36
C ARG A 166 22.86 -21.14 -31.19
N LYS A 167 22.31 -20.09 -30.50
CA LYS A 167 21.51 -19.00 -31.07
C LYS A 167 22.40 -17.92 -31.80
N ILE A 168 23.75 -18.02 -31.71
CA ILE A 168 24.69 -17.12 -32.37
C ILE A 168 25.01 -17.68 -33.75
N ASN A 169 24.47 -17.07 -34.82
CA ASN A 169 24.74 -17.54 -36.18
C ASN A 169 25.50 -16.49 -36.95
N ASN A 170 26.81 -16.73 -37.12
CA ASN A 170 27.72 -15.79 -37.78
C ASN A 170 27.44 -15.60 -39.28
N ASP A 171 26.63 -16.51 -39.88
CA ASP A 171 26.30 -16.45 -41.31
C ASP A 171 25.18 -15.44 -41.57
N GLU A 172 24.10 -15.46 -40.76
CA GLU A 172 22.96 -14.55 -40.92
C GLU A 172 23.30 -13.08 -40.48
N SER A 173 24.32 -12.91 -39.61
CA SER A 173 24.80 -11.63 -39.08
C SER A 173 26.21 -11.76 -38.49
N ILE A 174 27.09 -10.75 -38.70
CA ILE A 174 28.44 -10.78 -38.13
C ILE A 174 28.36 -10.44 -36.63
N ASP A 175 27.80 -9.26 -36.26
CA ASP A 175 27.66 -8.80 -34.89
C ASP A 175 26.36 -9.28 -34.25
N HIS A 176 26.35 -9.47 -32.93
CA HIS A 176 25.20 -9.97 -32.21
C HIS A 176 24.95 -9.22 -30.90
N ILE A 177 23.69 -9.19 -30.45
CA ILE A 177 23.28 -8.61 -29.16
C ILE A 177 22.67 -9.73 -28.38
N VAL A 178 23.19 -10.03 -27.19
CA VAL A 178 22.60 -11.06 -26.36
C VAL A 178 21.96 -10.36 -25.17
N TYR A 179 20.63 -10.36 -25.13
CA TYR A 179 19.87 -9.71 -24.08
C TYR A 179 19.44 -10.75 -23.05
N PHE A 180 20.00 -10.61 -21.83
CA PHE A 180 19.68 -11.42 -20.67
C PHE A 180 18.72 -10.66 -19.79
N LYS A 181 17.55 -11.24 -19.49
CA LYS A 181 16.57 -10.57 -18.66
C LYS A 181 16.34 -11.35 -17.37
N PHE A 182 16.64 -10.71 -16.24
CA PHE A 182 16.41 -11.26 -14.91
C PHE A 182 15.43 -10.36 -14.19
N GLU A 183 14.29 -10.92 -13.76
CA GLU A 183 13.21 -10.17 -13.12
C GLU A 183 12.94 -10.67 -11.69
N GLN A 184 13.31 -9.84 -10.69
CA GLN A 184 13.07 -10.15 -9.27
C GLN A 184 12.33 -9.00 -8.58
N LEU A 185 11.01 -8.95 -8.86
CA LEU A 185 10.05 -7.94 -8.44
C LEU A 185 9.39 -8.21 -7.09
N ASP A 186 9.53 -9.44 -6.54
CA ASP A 186 8.97 -9.83 -5.23
C ASP A 186 9.98 -9.50 -4.13
N LYS A 187 9.61 -8.55 -3.25
CA LYS A 187 10.45 -8.11 -2.13
C LYS A 187 10.30 -9.09 -0.94
N LEU A 188 9.17 -9.86 -0.92
CA LEU A 188 8.83 -10.86 0.11
C LEU A 188 9.87 -12.00 0.15
N SER A 189 10.33 -12.45 -1.06
CA SER A 189 11.36 -13.47 -1.22
C SER A 189 12.74 -12.76 -1.24
N THR A 190 13.06 -12.08 -0.11
CA THR A 190 14.28 -11.30 0.12
C THR A 190 15.49 -12.26 0.19
N SER A 191 15.39 -13.36 0.99
CA SER A 191 16.47 -14.35 1.09
C SER A 191 16.82 -14.87 -0.30
N THR A 192 18.10 -14.80 -0.65
CA THR A 192 18.64 -15.17 -1.97
C THR A 192 18.31 -16.65 -2.29
N ILE A 193 17.34 -16.82 -3.23
CA ILE A 193 16.84 -18.11 -3.76
C ILE A 193 17.86 -18.65 -4.77
N ILE A 194 18.53 -17.73 -5.49
CA ILE A 194 19.54 -18.01 -6.51
C ILE A 194 20.72 -18.79 -5.93
N GLU A 195 21.19 -19.82 -6.67
CA GLU A 195 22.31 -20.65 -6.26
C GLU A 195 23.63 -20.11 -6.83
N PRO A 196 24.66 -19.99 -5.96
CA PRO A 196 25.94 -19.40 -6.38
C PRO A 196 26.63 -20.03 -7.61
N SER A 197 26.40 -21.34 -7.87
CA SER A 197 26.98 -22.06 -9.02
C SER A 197 26.39 -21.54 -10.33
N LYS A 198 25.04 -21.34 -10.35
CA LYS A 198 24.33 -20.83 -11.51
C LYS A 198 24.63 -19.35 -11.72
N LEU A 199 25.02 -18.62 -10.64
CA LEU A 199 25.40 -17.21 -10.74
C LEU A 199 26.81 -17.07 -11.27
N THR A 200 27.77 -17.85 -10.71
CA THR A 200 29.17 -17.82 -11.16
C THR A 200 29.27 -18.35 -12.60
N GLU A 201 28.35 -19.24 -13.03
CA GLU A 201 28.33 -19.72 -14.42
C GLU A 201 27.86 -18.59 -15.32
N PHE A 202 26.77 -17.90 -14.91
CA PHE A 202 26.20 -16.78 -15.66
C PHE A 202 27.21 -15.65 -15.78
N ILE A 203 27.95 -15.34 -14.70
CA ILE A 203 28.96 -14.30 -14.71
C ILE A 203 30.14 -14.73 -15.60
N ASN A 204 30.49 -16.04 -15.63
CA ASN A 204 31.56 -16.55 -16.52
C ASN A 204 31.21 -16.34 -17.99
N VAL A 205 29.96 -16.72 -18.39
CA VAL A 205 29.40 -16.55 -19.74
C VAL A 205 29.53 -15.08 -20.15
N LEU A 206 29.25 -14.16 -19.20
CA LEU A 206 29.37 -12.74 -19.43
C LEU A 206 30.83 -12.36 -19.66
N SER A 207 31.78 -12.89 -18.84
CA SER A 207 33.21 -12.62 -18.96
C SER A 207 33.75 -12.99 -20.34
N VAL A 208 33.15 -13.99 -21.01
CA VAL A 208 33.50 -14.47 -22.35
C VAL A 208 32.97 -13.49 -23.41
N LEU A 209 31.66 -13.18 -23.35
CA LEU A 209 31.01 -12.27 -24.30
C LEU A 209 31.62 -10.87 -24.23
N GLU A 210 32.03 -10.47 -23.01
CA GLU A 210 32.70 -9.21 -22.74
C GLU A 210 34.10 -9.18 -23.40
N LYS A 211 34.76 -10.36 -23.48
CA LYS A 211 36.08 -10.43 -24.08
C LYS A 211 36.01 -10.65 -25.59
N SER A 212 34.83 -10.98 -26.19
CA SER A 212 34.71 -11.17 -27.65
C SER A 212 33.94 -9.97 -28.29
N ASN A 213 34.66 -9.11 -29.08
CA ASN A 213 34.12 -7.83 -29.58
C ASN A 213 33.00 -7.99 -30.62
N ASN A 214 32.86 -9.19 -31.14
CA ASN A 214 31.85 -9.60 -32.08
C ASN A 214 30.42 -9.63 -31.44
N ILE A 215 30.31 -9.99 -30.15
CA ILE A 215 29.05 -10.18 -29.42
C ILE A 215 28.98 -9.22 -28.23
N ALA A 216 27.85 -8.50 -28.12
CA ALA A 216 27.57 -7.55 -27.03
C ALA A 216 26.49 -8.09 -26.15
N PHE A 217 26.67 -7.99 -24.82
CA PHE A 217 25.60 -8.44 -23.96
C PHE A 217 24.84 -7.25 -23.38
N LYS A 218 23.55 -7.44 -23.15
CA LYS A 218 22.68 -6.44 -22.56
C LYS A 218 21.98 -7.12 -21.38
N VAL A 219 22.39 -6.80 -20.14
CA VAL A 219 21.80 -7.42 -18.95
C VAL A 219 20.87 -6.43 -18.28
N LEU A 220 19.57 -6.77 -18.27
CA LEU A 220 18.57 -5.92 -17.64
C LEU A 220 17.98 -6.63 -16.44
N ILE A 221 18.26 -6.08 -15.24
CA ILE A 221 17.79 -6.60 -13.96
C ILE A 221 16.67 -5.71 -13.48
N TYR A 222 15.46 -6.27 -13.40
CA TYR A 222 14.28 -5.57 -12.89
C TYR A 222 14.14 -5.95 -11.43
N SER A 223 14.31 -4.99 -10.50
CA SER A 223 14.23 -5.31 -9.07
C SER A 223 13.38 -4.33 -8.23
N ASN A 224 12.83 -4.90 -7.14
CA ASN A 224 12.09 -4.28 -6.07
C ASN A 224 12.70 -4.80 -4.77
N ASN A 225 13.51 -5.88 -4.92
CA ASN A 225 14.31 -6.58 -3.91
C ASN A 225 15.73 -6.02 -3.95
N VAL A 226 16.42 -5.89 -2.78
CA VAL A 226 17.81 -5.38 -2.71
C VAL A 226 18.76 -6.43 -2.07
N SER A 227 18.23 -7.50 -1.43
CA SER A 227 19.07 -8.59 -0.91
C SER A 227 19.65 -9.42 -2.05
N ILE A 228 18.90 -9.46 -3.19
CA ILE A 228 19.25 -10.11 -4.46
C ILE A 228 19.95 -9.05 -5.35
N SER A 229 19.38 -7.81 -5.43
CA SER A 229 19.95 -6.68 -6.19
C SER A 229 21.40 -6.38 -5.75
N SER A 230 21.68 -6.46 -4.42
CA SER A 230 23.01 -6.24 -3.87
C SER A 230 23.95 -7.42 -4.17
N LEU A 231 23.41 -8.66 -4.22
CA LEU A 231 24.21 -9.86 -4.50
C LEU A 231 24.74 -9.84 -5.94
N LEU A 232 23.87 -9.57 -6.96
CA LEU A 232 24.30 -9.49 -8.35
C LEU A 232 25.22 -8.31 -8.52
N SER A 233 24.82 -7.16 -7.96
CA SER A 233 25.55 -5.90 -7.98
C SER A 233 27.05 -6.09 -7.66
N THR A 234 27.35 -6.70 -6.50
CA THR A 234 28.72 -6.92 -6.03
C THR A 234 29.44 -7.96 -6.89
N SER A 235 28.79 -9.10 -7.20
CA SER A 235 29.33 -10.20 -8.01
C SER A 235 29.76 -9.74 -9.41
N LEU A 236 28.87 -8.99 -10.10
CA LEU A 236 29.10 -8.45 -11.44
C LEU A 236 30.26 -7.42 -11.44
N LYS A 237 30.24 -6.47 -10.48
CA LYS A 237 31.25 -5.43 -10.31
C LYS A 237 32.68 -6.05 -10.17
N LYS A 238 32.81 -7.10 -9.32
CA LYS A 238 34.06 -7.78 -9.03
C LYS A 238 34.67 -8.51 -10.26
N LYS A 239 33.98 -9.52 -10.83
CA LYS A 239 34.50 -10.35 -11.93
C LYS A 239 34.54 -9.63 -13.33
N LEU A 240 33.54 -8.79 -13.68
CA LEU A 240 33.47 -8.13 -14.99
C LEU A 240 34.02 -6.71 -15.02
N ASN A 241 34.56 -6.31 -16.21
CA ASN A 241 35.08 -4.96 -16.52
C ASN A 241 33.94 -3.98 -16.93
N THR A 242 32.78 -4.53 -17.31
CA THR A 242 31.59 -3.79 -17.74
C THR A 242 31.01 -3.11 -16.50
N LYS A 243 30.91 -1.75 -16.54
CA LYS A 243 30.37 -0.98 -15.42
C LYS A 243 28.85 -0.94 -15.50
N TYR A 244 28.16 -1.25 -14.39
CA TYR A 244 26.70 -1.27 -14.38
C TYR A 244 26.12 0.11 -14.09
N THR A 245 24.90 0.33 -14.63
CA THR A 245 24.08 1.53 -14.51
C THR A 245 22.86 1.21 -13.67
N VAL A 246 22.41 2.17 -12.86
CA VAL A 246 21.22 2.02 -12.02
C VAL A 246 20.19 3.04 -12.47
N PHE A 247 19.13 2.58 -13.16
CA PHE A 247 18.04 3.43 -13.63
C PHE A 247 16.95 3.38 -12.59
N GLU A 248 17.01 4.32 -11.65
CA GLU A 248 16.08 4.43 -10.54
C GLU A 248 14.76 5.08 -10.97
N MET A 249 13.64 4.41 -10.69
CA MET A 249 12.29 4.90 -10.97
C MET A 249 11.95 6.01 -9.97
N PRO A 250 11.33 7.14 -10.39
CA PRO A 250 11.02 8.18 -9.41
C PRO A 250 9.83 7.81 -8.53
N ILE A 251 9.84 8.28 -7.27
CA ILE A 251 8.73 8.07 -6.34
C ILE A 251 7.86 9.34 -6.40
N LEU A 252 6.62 9.20 -6.81
CA LEU A 252 5.76 10.38 -6.94
C LEU A 252 5.03 10.72 -5.64
N THR A 253 4.65 11.99 -5.52
CA THR A 253 3.81 12.47 -4.44
C THR A 253 2.41 12.03 -4.81
N CYS A 254 1.50 11.92 -3.81
CA CYS A 254 0.12 11.55 -4.07
C CYS A 254 -0.48 12.49 -5.12
N ALA A 255 -0.11 13.79 -5.03
CA ALA A 255 -0.46 14.90 -5.90
C ALA A 255 -0.08 14.62 -7.34
N GLN A 256 1.20 14.24 -7.55
CA GLN A 256 1.74 13.91 -8.86
C GLN A 256 1.08 12.66 -9.41
N GLU A 257 0.93 11.61 -8.59
CA GLU A 257 0.31 10.34 -8.96
C GLU A 257 -1.08 10.59 -9.49
N GLN A 258 -1.81 11.49 -8.83
CA GLN A 258 -3.16 11.87 -9.19
C GLN A 258 -3.16 12.54 -10.56
N GLU A 259 -2.17 13.43 -10.81
CA GLU A 259 -1.98 14.14 -12.07
C GLU A 259 -1.79 13.13 -13.22
N TYR A 260 -0.95 12.10 -13.01
CA TYR A 260 -0.66 11.11 -14.01
C TYR A 260 -1.78 10.07 -14.20
N LEU A 261 -2.66 9.88 -13.19
CA LEU A 261 -3.81 8.97 -13.33
C LEU A 261 -4.85 9.67 -14.20
N LYS A 262 -5.01 11.00 -13.98
CA LYS A 262 -5.91 11.83 -14.77
C LYS A 262 -5.42 11.82 -16.22
N LYS A 263 -4.07 11.97 -16.46
CA LYS A 263 -3.46 12.01 -17.78
C LYS A 263 -3.73 10.72 -18.57
N MET A 264 -3.73 9.56 -17.88
CA MET A 264 -3.96 8.23 -18.46
C MET A 264 -5.34 8.08 -19.12
N ILE A 265 -6.38 8.74 -18.59
CA ILE A 265 -7.74 8.61 -19.13
C ILE A 265 -8.10 9.82 -20.03
N LYS A 266 -7.09 10.60 -20.47
CA LYS A 266 -7.23 11.72 -21.39
C LYS A 266 -6.76 11.24 -22.74
N PHE A 267 -7.67 11.19 -23.72
CA PHE A 267 -7.41 10.67 -25.04
C PHE A 267 -7.19 11.79 -26.05
N THR A 268 -6.10 11.68 -26.84
CA THR A 268 -5.70 12.68 -27.83
C THR A 268 -5.99 12.29 -29.30
N PHE A 269 -6.23 10.99 -29.60
CA PHE A 269 -6.55 10.44 -30.94
C PHE A 269 -7.67 11.22 -31.60
N ASP A 270 -7.68 11.34 -32.95
CA ASP A 270 -8.75 12.05 -33.70
C ASP A 270 -9.08 13.44 -33.01
N SER A 271 -8.11 14.38 -33.15
CA SER A 271 -8.13 15.75 -32.62
C SER A 271 -9.33 16.57 -33.12
N GLY A 272 -9.72 16.34 -34.38
CA GLY A 272 -10.84 17.01 -35.03
C GLY A 272 -12.18 16.34 -34.83
N SER A 273 -12.49 15.94 -33.57
CA SER A 273 -13.75 15.31 -33.18
C SER A 273 -14.46 16.19 -32.17
N LYS A 274 -15.71 16.58 -32.45
CA LYS A 274 -16.48 17.40 -31.50
C LYS A 274 -16.82 16.55 -30.26
N LEU A 275 -17.03 15.25 -30.46
CA LEU A 275 -17.35 14.28 -29.42
C LEU A 275 -16.17 14.01 -28.50
N LEU A 276 -14.93 13.88 -29.04
CA LEU A 276 -13.77 13.59 -28.20
C LEU A 276 -13.46 14.74 -27.24
N GLN A 277 -13.50 16.01 -27.70
CA GLN A 277 -13.25 17.12 -26.76
C GLN A 277 -14.38 17.20 -25.74
N SER A 278 -15.58 16.72 -26.12
CA SER A 278 -16.74 16.61 -25.22
C SER A 278 -16.44 15.57 -24.12
N TYR A 279 -15.72 14.49 -24.48
CA TYR A 279 -15.32 13.42 -23.55
C TYR A 279 -14.29 13.98 -22.56
N ASN A 280 -13.16 14.50 -23.07
CA ASN A 280 -12.07 15.00 -22.27
C ASN A 280 -12.54 16.04 -21.26
N SER A 281 -13.43 16.96 -21.66
CA SER A 281 -13.95 17.97 -20.76
C SER A 281 -14.70 17.31 -19.59
N LEU A 282 -15.60 16.34 -19.91
CA LEU A 282 -16.40 15.60 -18.93
C LEU A 282 -15.50 15.05 -17.82
N VAL A 283 -14.39 14.41 -18.20
CA VAL A 283 -13.36 13.83 -17.32
C VAL A 283 -12.74 14.93 -16.41
N THR A 284 -12.32 16.07 -17.00
CA THR A 284 -11.64 17.18 -16.30
C THR A 284 -12.51 17.80 -15.24
N CYS A 285 -13.71 18.24 -15.60
CA CYS A 285 -14.57 18.92 -14.64
C CYS A 285 -15.19 17.90 -13.67
N GLN A 286 -15.34 16.63 -14.08
CA GLN A 286 -15.81 15.58 -13.18
C GLN A 286 -14.81 15.43 -12.05
N LEU A 287 -13.51 15.41 -12.37
CA LEU A 287 -12.43 15.32 -11.39
C LEU A 287 -12.26 16.62 -10.59
N ASN A 288 -12.76 17.76 -11.11
CA ASN A 288 -12.63 19.04 -10.38
C ASN A 288 -13.76 19.21 -9.38
N ASN A 289 -14.79 18.36 -9.49
CA ASN A 289 -15.95 18.32 -8.61
C ASN A 289 -15.74 17.16 -7.64
N LYS A 290 -15.37 17.46 -6.38
CA LYS A 290 -15.05 16.48 -5.34
C LYS A 290 -16.23 15.56 -4.96
N GLU A 291 -17.47 15.96 -5.23
CA GLU A 291 -18.63 15.14 -4.90
C GLU A 291 -18.97 14.17 -6.02
N SER A 292 -18.31 14.30 -7.19
CA SER A 292 -18.57 13.45 -8.36
C SER A 292 -18.08 12.01 -8.19
N ASN A 293 -18.68 11.06 -8.92
CA ASN A 293 -18.32 9.65 -8.85
C ASN A 293 -16.86 9.36 -9.22
N LEU A 294 -16.33 10.10 -10.23
CA LEU A 294 -14.97 9.91 -10.72
C LEU A 294 -13.94 10.45 -9.70
N ALA A 295 -14.23 11.60 -9.07
CA ALA A 295 -13.35 12.20 -8.08
C ALA A 295 -13.28 11.35 -6.85
N ILE A 296 -14.41 10.73 -6.48
CA ILE A 296 -14.52 9.83 -5.32
C ILE A 296 -13.69 8.58 -5.61
N PHE A 297 -13.73 8.05 -6.85
CA PHE A 297 -12.96 6.86 -7.25
C PHE A 297 -11.49 7.15 -7.11
N PHE A 298 -11.05 8.31 -7.64
CA PHE A 298 -9.66 8.77 -7.60
C PHE A 298 -9.21 8.91 -6.15
N GLU A 299 -10.12 9.31 -5.26
CA GLU A 299 -9.83 9.43 -3.83
C GLU A 299 -9.46 8.07 -3.25
N PHE A 300 -10.17 6.98 -3.65
CA PHE A 300 -9.86 5.62 -3.21
C PHE A 300 -8.47 5.25 -3.74
N LEU A 301 -8.17 5.55 -5.03
CA LEU A 301 -6.88 5.23 -5.65
C LEU A 301 -5.68 5.78 -4.82
N LYS A 302 -5.92 6.84 -4.02
CA LYS A 302 -4.88 7.43 -3.16
C LYS A 302 -4.38 6.40 -2.12
N VAL A 303 -5.21 5.36 -1.76
CA VAL A 303 -4.83 4.31 -0.79
C VAL A 303 -4.74 2.88 -1.39
N PHE A 304 -5.31 2.64 -2.57
CA PHE A 304 -5.26 1.31 -3.15
C PHE A 304 -3.78 0.99 -3.65
N PRO A 305 -3.24 -0.24 -3.36
CA PRO A 305 -1.89 -0.61 -3.81
C PRO A 305 -1.57 -0.53 -5.32
N HIS A 306 -2.52 -0.76 -6.23
CA HIS A 306 -2.14 -0.69 -7.64
C HIS A 306 -3.09 0.27 -8.36
N PRO A 307 -2.89 1.61 -8.21
CA PRO A 307 -3.86 2.56 -8.75
C PRO A 307 -3.97 2.58 -10.28
N PHE A 308 -2.85 2.58 -11.01
CA PHE A 308 -2.86 2.63 -12.47
C PHE A 308 -3.56 1.40 -13.07
N THR A 309 -3.26 0.20 -12.57
CA THR A 309 -3.85 -1.06 -13.03
C THR A 309 -5.35 -1.10 -12.70
N TYR A 310 -5.74 -0.79 -11.44
CA TYR A 310 -7.15 -0.78 -11.02
C TYR A 310 -7.97 0.17 -11.92
N LEU A 311 -7.45 1.39 -12.14
CA LEU A 311 -8.15 2.36 -12.98
C LEU A 311 -8.18 1.85 -14.41
N PHE A 312 -7.04 1.33 -14.90
CA PHE A 312 -6.95 0.79 -16.26
C PHE A 312 -7.98 -0.31 -16.47
N ASN A 313 -8.07 -1.25 -15.51
CA ASN A 313 -8.97 -2.37 -15.58
C ASN A 313 -10.40 -1.92 -15.60
N ALA A 314 -10.81 -1.10 -14.62
CA ALA A 314 -12.18 -0.62 -14.51
C ALA A 314 -12.58 0.17 -15.76
N TYR A 315 -11.73 1.13 -16.19
CA TYR A 315 -11.97 1.94 -17.37
C TYR A 315 -12.12 1.07 -18.62
N THR A 316 -11.30 0.00 -18.76
CA THR A 316 -11.39 -0.96 -19.88
C THR A 316 -12.80 -1.55 -19.90
N GLU A 317 -13.28 -2.02 -18.72
CA GLU A 317 -14.59 -2.65 -18.57
C GLU A 317 -15.67 -1.66 -19.00
N ILE A 318 -15.67 -0.42 -18.45
CA ILE A 318 -16.62 0.64 -18.80
C ILE A 318 -16.66 0.85 -20.33
N ILE A 319 -15.48 0.99 -20.98
CA ILE A 319 -15.36 1.24 -22.40
C ILE A 319 -16.02 0.11 -23.20
N VAL A 320 -15.60 -1.10 -22.92
CA VAL A 320 -15.98 -2.34 -23.56
C VAL A 320 -17.46 -2.69 -23.28
N GLN A 321 -18.00 -2.28 -22.12
CA GLN A 321 -19.40 -2.52 -21.71
C GLN A 321 -20.38 -1.61 -22.44
N SER A 322 -20.05 -0.32 -22.59
CA SER A 322 -20.89 0.64 -23.29
C SER A 322 -21.10 0.25 -24.77
N ARG A 323 -22.28 0.57 -25.29
CA ARG A 323 -22.68 0.23 -26.66
C ARG A 323 -22.70 1.48 -27.52
N THR A 324 -22.81 2.62 -26.84
CA THR A 324 -22.93 3.93 -27.42
C THR A 324 -22.12 4.96 -26.61
N PHE A 325 -21.61 6.00 -27.28
CA PHE A 325 -20.82 7.06 -26.68
C PHE A 325 -21.57 7.72 -25.49
N ASP A 326 -22.89 8.02 -25.64
CA ASP A 326 -23.70 8.58 -24.54
C ASP A 326 -23.62 7.60 -23.34
N GLU A 327 -23.81 6.27 -23.58
CA GLU A 327 -23.67 5.26 -22.53
C GLU A 327 -22.28 5.36 -21.90
N LEU A 328 -21.20 5.50 -22.72
CA LEU A 328 -19.86 5.61 -22.17
C LEU A 328 -19.78 6.71 -21.13
N LEU A 329 -20.27 7.90 -21.50
CA LEU A 329 -20.25 9.10 -20.66
C LEU A 329 -21.14 8.91 -19.43
N ASP A 330 -22.31 8.22 -19.59
CA ASP A 330 -23.23 7.96 -18.48
C ASP A 330 -22.55 7.09 -17.42
N LYS A 331 -21.74 6.10 -17.85
CA LYS A 331 -21.01 5.23 -16.95
C LYS A 331 -19.91 6.03 -16.22
N ILE A 332 -19.12 6.84 -16.94
CA ILE A 332 -18.07 7.68 -16.35
C ILE A 332 -18.70 8.62 -15.28
N ARG A 333 -19.92 9.12 -15.53
CA ARG A 333 -20.62 10.04 -14.62
C ARG A 333 -21.25 9.37 -13.43
N ASN A 334 -21.94 8.23 -13.64
CA ASN A 334 -22.76 7.62 -12.62
C ASN A 334 -22.51 6.15 -12.28
N ARG A 335 -21.85 5.38 -13.14
CA ARG A 335 -21.70 3.95 -12.81
C ARG A 335 -20.29 3.58 -12.28
N LEU A 336 -19.25 4.43 -12.46
CA LEU A 336 -17.87 4.15 -12.01
C LEU A 336 -17.72 4.35 -10.48
N THR A 337 -17.80 3.23 -9.73
CA THR A 337 -17.69 3.20 -8.28
C THR A 337 -16.90 1.96 -7.82
N ILE A 338 -16.34 2.02 -6.61
CA ILE A 338 -15.60 0.98 -5.89
C ILE A 338 -16.52 -0.23 -5.70
N LYS A 339 -17.83 0.03 -5.56
CA LYS A 339 -18.87 -0.96 -5.33
C LYS A 339 -19.20 -1.67 -6.64
N ASN A 340 -19.43 -0.89 -7.72
CA ASN A 340 -19.76 -1.43 -9.04
C ASN A 340 -18.59 -2.13 -9.72
N TYR A 341 -17.36 -1.56 -9.61
CA TYR A 341 -16.15 -2.10 -10.21
C TYR A 341 -15.13 -2.41 -9.10
N PRO A 342 -15.36 -3.44 -8.24
CA PRO A 342 -14.37 -3.71 -7.17
C PRO A 342 -13.10 -4.33 -7.72
N HIS A 343 -12.01 -4.09 -7.01
CA HIS A 343 -10.67 -4.58 -7.33
C HIS A 343 -10.57 -6.07 -7.16
N SER A 344 -11.49 -6.67 -6.38
CA SER A 344 -11.52 -8.12 -6.16
C SER A 344 -11.63 -8.86 -7.51
N ALA A 345 -12.38 -8.28 -8.47
CA ALA A 345 -12.64 -8.78 -9.82
C ALA A 345 -11.40 -8.88 -10.73
N TYR A 346 -10.28 -8.23 -10.36
CA TYR A 346 -9.06 -8.24 -11.17
C TYR A 346 -7.90 -8.94 -10.48
N ASN A 347 -6.97 -9.43 -11.33
CA ASN A 347 -5.73 -10.09 -10.93
C ASN A 347 -4.65 -9.02 -11.02
N PHE A 348 -4.04 -8.67 -9.87
CA PHE A 348 -3.01 -7.64 -9.93
C PHE A 348 -1.69 -8.34 -9.92
N LYS A 349 -1.39 -9.04 -11.05
CA LYS A 349 -0.17 -9.82 -11.18
C LYS A 349 0.95 -8.84 -11.54
N LYS A 350 2.00 -8.76 -10.67
CA LYS A 350 3.13 -7.82 -10.78
C LYS A 350 3.96 -8.00 -12.08
N ASN A 351 4.07 -9.21 -12.62
CA ASN A 351 4.82 -9.45 -13.84
C ASN A 351 3.87 -9.49 -15.06
N GLN A 352 2.64 -8.91 -14.92
CA GLN A 352 1.63 -8.85 -15.99
C GLN A 352 2.08 -7.92 -17.11
N ARG A 353 1.78 -8.29 -18.37
CA ARG A 353 2.14 -7.51 -19.54
C ARG A 353 1.00 -7.54 -20.54
N LEU A 354 0.75 -6.41 -21.19
CA LEU A 354 -0.32 -6.27 -22.18
C LEU A 354 0.07 -6.83 -23.56
N PRO A 355 -0.90 -7.25 -24.41
CA PRO A 355 -0.57 -7.69 -25.77
C PRO A 355 0.22 -6.65 -26.58
N LEU A 356 0.89 -7.12 -27.64
CA LEU A 356 1.74 -6.30 -28.53
C LEU A 356 0.92 -5.34 -29.42
N LYS A 357 1.65 -4.33 -29.98
CA LYS A 357 1.13 -3.21 -30.78
C LYS A 357 0.19 -3.61 -31.98
N LEU A 358 0.76 -4.14 -33.11
CA LEU A 358 0.04 -4.50 -34.35
C LEU A 358 -1.17 -5.40 -34.11
N LYS B 33 -32.81 -0.17 31.32
CA LYS B 33 -31.90 -1.12 31.95
C LYS B 33 -30.52 -0.45 32.21
N GLU B 34 -29.41 -1.20 32.01
CA GLU B 34 -28.03 -0.72 32.24
C GLU B 34 -27.37 -0.19 30.93
N ARG B 35 -28.02 -0.41 29.75
CA ARG B 35 -27.54 0.03 28.43
C ARG B 35 -28.28 1.32 27.94
N VAL B 36 -28.79 2.14 28.91
CA VAL B 36 -29.49 3.42 28.63
C VAL B 36 -28.97 4.55 29.56
N ASP B 37 -28.00 4.24 30.46
CA ASP B 37 -27.40 5.21 31.39
C ASP B 37 -26.07 5.77 30.85
N HIS B 38 -25.81 7.06 31.16
CA HIS B 38 -24.61 7.81 30.77
C HIS B 38 -23.43 7.58 31.69
N VAL B 39 -23.68 7.38 33.01
CA VAL B 39 -22.61 7.18 33.99
C VAL B 39 -22.01 5.76 33.82
N PHE B 40 -22.85 4.76 33.44
CA PHE B 40 -22.39 3.40 33.19
C PHE B 40 -21.45 3.41 31.98
N TYR B 41 -21.90 4.07 30.89
CA TYR B 41 -21.12 4.18 29.68
C TYR B 41 -19.82 4.92 29.91
N GLN B 42 -19.84 6.02 30.70
CA GLN B 42 -18.64 6.79 31.05
C GLN B 42 -17.50 5.87 31.53
N LYS B 43 -17.86 4.91 32.42
CA LYS B 43 -16.94 3.90 32.97
C LYS B 43 -16.47 2.97 31.84
N PHE B 44 -17.44 2.32 31.14
CA PHE B 44 -17.21 1.41 30.02
C PHE B 44 -16.27 2.01 28.97
N LYS B 45 -16.54 3.26 28.53
CA LYS B 45 -15.81 4.03 27.52
C LYS B 45 -14.34 4.09 27.91
N SER B 46 -14.05 4.47 29.16
CA SER B 46 -12.68 4.59 29.67
C SER B 46 -11.96 3.25 29.66
N MET B 47 -12.68 2.21 30.08
CA MET B 47 -12.19 0.84 30.12
C MET B 47 -11.92 0.28 28.74
N ALA B 48 -12.82 0.58 27.78
CA ALA B 48 -12.76 0.18 26.37
C ALA B 48 -11.54 0.80 25.72
N LEU B 49 -11.40 2.14 25.86
CA LEU B 49 -10.26 2.90 25.34
C LEU B 49 -8.95 2.33 25.88
N GLN B 50 -8.91 2.01 27.20
CA GLN B 50 -7.75 1.42 27.86
C GLN B 50 -7.35 0.11 27.17
N GLU B 51 -8.29 -0.85 27.06
CA GLU B 51 -8.07 -2.15 26.46
C GLU B 51 -7.75 -2.01 24.96
N LEU B 52 -8.37 -1.04 24.25
CA LEU B 52 -8.11 -0.85 22.83
C LEU B 52 -6.65 -0.52 22.58
N GLY B 53 -6.10 0.42 23.35
CA GLY B 53 -4.70 0.80 23.28
C GLY B 53 -3.80 -0.37 23.57
N THR B 54 -4.04 -1.06 24.71
CA THR B 54 -3.30 -2.24 25.17
C THR B 54 -3.18 -3.27 24.05
N ASN B 55 -4.34 -3.66 23.44
CA ASN B 55 -4.45 -4.60 22.34
C ASN B 55 -3.64 -4.13 21.14
N TYR B 56 -3.81 -2.86 20.74
CA TYR B 56 -3.11 -2.28 19.60
C TYR B 56 -1.59 -2.46 19.73
N LEU B 57 -1.05 -2.10 20.91
CA LEU B 57 0.36 -2.13 21.28
C LEU B 57 0.88 -3.52 21.62
N SER B 58 0.01 -4.47 22.01
CA SER B 58 0.48 -5.84 22.21
C SER B 58 0.77 -6.44 20.84
N ILE B 59 1.95 -7.00 20.66
CA ILE B 59 2.16 -7.54 19.32
C ILE B 59 1.91 -9.04 19.48
N SER B 60 0.61 -9.38 19.67
CA SER B 60 0.04 -10.69 20.01
C SER B 60 0.53 -11.84 19.15
N TYR B 61 0.85 -11.58 17.86
CA TYR B 61 1.35 -12.57 16.93
C TYR B 61 2.88 -12.86 17.14
N VAL B 62 3.56 -12.11 18.02
CA VAL B 62 4.96 -12.34 18.41
C VAL B 62 4.99 -12.33 19.98
N PRO B 63 4.68 -13.51 20.60
CA PRO B 63 4.59 -13.57 22.07
C PRO B 63 5.95 -13.57 22.77
N SER B 64 6.97 -14.06 22.08
CA SER B 64 8.38 -14.14 22.51
C SER B 64 8.95 -12.79 22.97
N LEU B 65 8.53 -11.67 22.36
CA LEU B 65 9.02 -10.31 22.55
C LEU B 65 9.30 -9.91 24.00
N SER B 66 8.30 -10.07 24.91
CA SER B 66 8.49 -9.62 26.29
C SER B 66 9.65 -10.37 27.02
N LYS B 67 9.73 -11.72 26.88
CA LYS B 67 10.80 -12.53 27.48
C LYS B 67 12.12 -12.14 26.82
N PHE B 68 12.10 -11.93 25.50
CA PHE B 68 13.29 -11.53 24.75
C PHE B 68 13.85 -10.22 25.30
N LEU B 69 13.01 -9.17 25.37
CA LEU B 69 13.41 -7.87 25.87
C LEU B 69 13.88 -7.91 27.34
N SER B 70 13.25 -8.73 28.20
CA SER B 70 13.66 -8.83 29.59
C SER B 70 15.07 -9.43 29.69
N LYS B 71 15.28 -10.59 29.01
CA LYS B 71 16.56 -11.32 28.99
C LYS B 71 17.71 -10.43 28.48
N ASN B 72 17.46 -9.64 27.43
CA ASN B 72 18.47 -8.82 26.80
C ASN B 72 18.69 -7.45 27.44
N LEU B 73 17.65 -6.80 27.99
CA LEU B 73 17.81 -5.45 28.53
C LEU B 73 18.12 -5.42 30.02
N ARG B 74 17.66 -6.42 30.79
CA ARG B 74 17.88 -6.42 32.24
C ARG B 74 19.06 -7.34 32.57
N SER B 75 20.21 -7.03 31.96
CA SER B 75 21.48 -7.73 32.11
C SER B 75 22.58 -6.74 31.95
N MET B 76 23.70 -6.95 32.64
CA MET B 76 24.86 -6.08 32.55
C MET B 76 25.77 -6.49 31.36
N LYS B 77 25.18 -7.32 30.45
CA LYS B 77 25.77 -7.84 29.21
C LYS B 77 25.48 -6.86 28.07
N ASN B 78 26.47 -6.54 27.24
CA ASN B 78 26.25 -5.62 26.12
C ASN B 78 25.50 -6.33 25.03
N CYS B 79 24.59 -5.65 24.34
CA CYS B 79 23.87 -6.31 23.25
C CYS B 79 23.47 -5.33 22.15
N ILE B 80 23.39 -5.84 20.92
CA ILE B 80 22.99 -5.12 19.72
C ILE B 80 21.82 -5.91 19.15
N VAL B 81 20.63 -5.30 19.06
CA VAL B 81 19.44 -5.96 18.54
C VAL B 81 18.96 -5.22 17.31
N PHE B 82 18.75 -5.98 16.22
CA PHE B 82 18.23 -5.46 14.96
C PHE B 82 16.78 -5.86 14.83
N PHE B 83 15.85 -4.91 15.03
CA PHE B 83 14.44 -5.20 14.87
C PHE B 83 14.14 -5.08 13.40
N ASP B 84 14.30 -6.19 12.67
CA ASP B 84 14.11 -6.17 11.23
C ASP B 84 12.66 -6.49 10.87
N LYS B 85 12.24 -5.97 9.70
CA LYS B 85 10.91 -6.12 9.10
C LYS B 85 9.85 -5.37 9.91
N VAL B 86 10.22 -4.21 10.50
CA VAL B 86 9.26 -3.37 11.24
C VAL B 86 8.55 -2.50 10.21
N GLU B 87 7.52 -3.09 9.57
CA GLU B 87 6.76 -2.46 8.48
C GLU B 87 5.46 -1.77 8.93
N HIS B 88 4.97 -2.04 10.14
CA HIS B 88 3.74 -1.42 10.65
C HIS B 88 3.97 -0.49 11.84
N ILE B 89 3.15 0.58 11.93
CA ILE B 89 3.15 1.57 13.03
C ILE B 89 2.99 0.84 14.37
N HIS B 90 2.03 -0.09 14.51
CA HIS B 90 1.79 -0.84 15.75
C HIS B 90 3.01 -1.67 16.18
N GLN B 91 3.83 -2.14 15.23
CA GLN B 91 5.04 -2.91 15.52
C GLN B 91 6.05 -2.03 16.20
N TYR B 92 6.37 -0.87 15.61
CA TYR B 92 7.30 0.09 16.21
C TYR B 92 6.77 0.61 17.54
N ALA B 93 5.55 1.16 17.56
CA ALA B 93 4.93 1.68 18.79
C ALA B 93 4.92 0.60 19.90
N GLY B 94 4.56 -0.63 19.53
CA GLY B 94 4.48 -1.77 20.42
C GLY B 94 5.81 -2.18 21.00
N ILE B 95 6.86 -2.28 20.14
CA ILE B 95 8.23 -2.65 20.55
C ILE B 95 8.75 -1.56 21.49
N ASP B 96 8.65 -0.28 21.07
CA ASP B 96 9.09 0.84 21.87
C ASP B 96 8.47 0.83 23.29
N ARG B 97 7.13 0.62 23.43
CA ARG B 97 6.50 0.58 24.75
C ARG B 97 7.05 -0.58 25.57
N ALA B 98 7.24 -1.75 24.95
CA ALA B 98 7.79 -2.92 25.62
C ALA B 98 9.21 -2.66 26.15
N VAL B 99 10.02 -1.91 25.38
CA VAL B 99 11.38 -1.55 25.75
C VAL B 99 11.34 -0.59 26.95
N SER B 100 10.43 0.38 26.92
CA SER B 100 10.28 1.38 27.98
C SER B 100 9.79 0.74 29.23
N GLU B 101 8.82 -0.18 29.12
CA GLU B 101 8.30 -0.92 30.26
C GLU B 101 9.38 -1.83 30.87
N THR B 102 10.25 -2.47 30.03
CA THR B 102 11.32 -3.35 30.51
C THR B 102 12.35 -2.54 31.28
N LEU B 103 12.85 -1.45 30.66
CA LEU B 103 13.85 -0.58 31.25
C LEU B 103 13.31 0.15 32.47
N SER B 104 11.98 0.33 32.56
CA SER B 104 11.38 0.99 33.71
C SER B 104 11.50 0.14 34.99
N LEU B 105 11.99 -1.11 34.91
CA LEU B 105 12.17 -1.85 36.16
C LEU B 105 13.67 -2.24 36.32
N VAL B 106 14.59 -1.24 36.31
CA VAL B 106 15.99 -1.62 36.34
C VAL B 106 16.71 -1.17 37.68
N ASP B 107 16.47 0.06 38.15
CA ASP B 107 17.06 0.59 39.41
C ASP B 107 18.49 1.09 39.27
N ILE B 108 19.33 0.40 38.49
CA ILE B 108 20.66 0.94 38.23
C ILE B 108 20.48 1.96 37.13
N ASN B 109 21.29 3.03 37.17
CA ASN B 109 21.26 4.12 36.20
C ASN B 109 21.12 3.65 34.72
N VAL B 110 20.01 4.06 34.09
CA VAL B 110 19.74 3.83 32.70
C VAL B 110 19.87 5.16 32.01
N VAL B 111 20.80 5.24 31.04
CA VAL B 111 21.08 6.42 30.24
C VAL B 111 20.46 6.19 28.90
N ILE B 112 19.62 7.13 28.42
CA ILE B 112 19.02 6.95 27.09
C ILE B 112 19.61 7.97 26.13
N ILE B 113 20.21 7.48 25.05
CA ILE B 113 20.83 8.30 24.02
C ILE B 113 20.05 8.05 22.73
N GLU B 114 19.50 9.12 22.13
CA GLU B 114 18.74 9.06 20.87
C GLU B 114 19.74 9.35 19.76
N MET B 115 20.16 8.29 19.05
CA MET B 115 21.21 8.32 18.05
C MET B 115 20.80 8.79 16.65
N ASN B 116 19.54 9.18 16.44
CA ASN B 116 19.06 9.54 15.13
C ASN B 116 19.67 10.81 14.61
N ASP B 117 19.45 11.97 15.27
CA ASP B 117 19.96 13.24 14.74
C ASP B 117 21.52 13.35 14.77
N TYR B 118 22.20 12.45 15.53
CA TYR B 118 23.67 12.43 15.58
C TYR B 118 24.27 11.79 14.31
N LEU B 119 23.85 10.56 13.99
CA LEU B 119 24.31 9.75 12.86
C LEU B 119 23.99 10.36 11.47
N MET B 120 22.86 11.07 11.31
CA MET B 120 22.44 11.65 10.02
C MET B 120 23.26 12.88 9.59
N LYS B 121 23.18 13.21 8.27
CA LYS B 121 23.83 14.36 7.63
C LYS B 121 22.83 15.13 6.77
N SER B 158 35.95 13.81 20.72
CA SER B 158 35.07 12.77 21.28
C SER B 158 33.80 13.40 21.92
N ASP B 159 33.04 14.19 21.10
CA ASP B 159 31.81 14.89 21.51
C ASP B 159 30.73 13.93 22.01
N LEU B 160 30.62 12.71 21.43
CA LEU B 160 29.65 11.70 21.82
C LEU B 160 30.08 11.01 23.12
N MET B 161 31.37 10.61 23.19
CA MET B 161 31.93 9.91 24.34
C MET B 161 31.67 10.70 25.62
N MET B 162 31.97 12.00 25.59
CA MET B 162 31.80 12.88 26.73
C MET B 162 30.35 13.12 27.03
N MET B 163 29.50 13.14 25.99
CA MET B 163 28.06 13.33 26.11
C MET B 163 27.42 12.15 26.85
N VAL B 164 27.93 10.93 26.59
CA VAL B 164 27.49 9.70 27.27
C VAL B 164 28.01 9.74 28.71
N MET B 165 29.33 9.97 28.90
CA MET B 165 30.00 9.97 30.21
C MET B 165 29.46 11.04 31.17
N ARG B 166 28.92 12.17 30.66
CA ARG B 166 28.36 13.22 31.51
C ARG B 166 27.17 12.65 32.29
N LYS B 167 26.31 11.83 31.62
CA LYS B 167 25.12 11.17 32.18
C LYS B 167 25.48 9.93 33.05
N ILE B 168 26.76 9.50 33.09
CA ILE B 168 27.24 8.37 33.90
C ILE B 168 27.64 8.91 35.27
N ASN B 169 26.81 8.65 36.29
CA ASN B 169 27.13 9.14 37.63
C ASN B 169 27.36 7.97 38.55
N ASN B 170 28.64 7.73 38.89
CA ASN B 170 29.06 6.59 39.70
C ASN B 170 28.58 6.68 41.15
N ASP B 171 28.10 7.87 41.58
CA ASP B 171 27.62 8.09 42.96
C ASP B 171 26.18 7.59 43.12
N GLU B 172 25.28 7.92 42.18
CA GLU B 172 23.88 7.51 42.23
C GLU B 172 23.68 5.97 41.92
N SER B 173 24.67 5.34 41.24
CA SER B 173 24.68 3.93 40.87
C SER B 173 26.10 3.47 40.46
N ILE B 174 26.54 2.24 40.84
CA ILE B 174 27.85 1.71 40.43
C ILE B 174 27.80 1.28 38.95
N ASP B 175 26.88 0.35 38.61
CA ASP B 175 26.69 -0.16 37.25
C ASP B 175 25.72 0.71 36.45
N HIS B 176 25.90 0.75 35.13
CA HIS B 176 25.07 1.57 34.26
C HIS B 176 24.64 0.84 32.99
N ILE B 177 23.47 1.22 32.44
CA ILE B 177 22.96 0.69 31.17
C ILE B 177 22.85 1.89 30.27
N VAL B 178 23.52 1.84 29.12
CA VAL B 178 23.43 2.94 28.16
C VAL B 178 22.67 2.41 26.99
N TYR B 179 21.44 2.89 26.81
CA TYR B 179 20.56 2.47 25.74
C TYR B 179 20.63 3.50 24.60
N PHE B 180 21.18 3.05 23.47
CA PHE B 180 21.28 3.82 22.22
C PHE B 180 20.16 3.36 21.30
N LYS B 181 19.32 4.30 20.87
CA LYS B 181 18.20 3.98 19.99
C LYS B 181 18.37 4.66 18.64
N PHE B 182 18.48 3.85 17.58
CA PHE B 182 18.56 4.32 16.21
C PHE B 182 17.37 3.79 15.46
N GLU B 183 16.57 4.69 14.89
CA GLU B 183 15.31 4.35 14.21
C GLU B 183 15.34 4.79 12.74
N GLN B 184 15.43 3.80 11.82
CA GLN B 184 15.44 4.04 10.37
C GLN B 184 14.38 3.19 9.68
N LEU B 185 13.13 3.64 9.83
CA LEU B 185 11.93 2.96 9.35
C LEU B 185 11.58 3.32 7.88
N ASP B 186 12.06 4.49 7.38
CA ASP B 186 11.82 4.94 6.01
C ASP B 186 12.70 4.15 5.03
N LYS B 187 12.05 3.33 4.20
CA LYS B 187 12.73 2.53 3.18
C LYS B 187 13.03 3.37 1.93
N LEU B 188 12.29 4.51 1.74
CA LEU B 188 12.42 5.48 0.63
C LEU B 188 13.83 6.12 0.62
N SER B 189 14.35 6.47 1.82
CA SER B 189 15.69 7.03 2.02
C SER B 189 16.67 5.86 2.19
N THR B 190 16.78 5.00 1.14
CA THR B 190 17.62 3.79 1.07
C THR B 190 19.11 4.21 1.05
N SER B 191 19.49 5.18 0.18
CA SER B 191 20.87 5.67 0.11
C SER B 191 21.30 6.16 1.50
N THR B 192 22.44 5.62 1.99
CA THR B 192 22.99 5.88 3.30
C THR B 192 23.24 7.41 3.52
N ILE B 193 22.36 8.02 4.34
CA ILE B 193 22.36 9.45 4.72
C ILE B 193 23.45 9.65 5.79
N ILE B 194 23.65 8.61 6.63
CA ILE B 194 24.61 8.57 7.74
C ILE B 194 26.05 8.78 7.22
N GLU B 195 26.82 9.62 7.93
CA GLU B 195 28.21 9.92 7.58
C GLU B 195 29.17 8.98 8.30
N PRO B 196 30.13 8.38 7.56
CA PRO B 196 31.06 7.40 8.15
C PRO B 196 31.86 7.86 9.38
N SER B 197 32.12 9.17 9.52
CA SER B 197 32.85 9.74 10.67
C SER B 197 32.02 9.62 11.94
N LYS B 198 30.71 9.93 11.86
CA LYS B 198 29.77 9.85 12.97
C LYS B 198 29.48 8.38 13.30
N LEU B 199 29.62 7.46 12.32
CA LEU B 199 29.42 6.04 12.55
C LEU B 199 30.65 5.44 13.23
N THR B 200 31.87 5.73 12.71
CA THR B 200 33.12 5.23 13.30
C THR B 200 33.32 5.81 14.71
N GLU B 201 32.78 7.03 14.97
CA GLU B 201 32.86 7.61 16.32
C GLU B 201 31.93 6.85 17.24
N PHE B 202 30.70 6.58 16.78
CA PHE B 202 29.69 5.82 17.54
C PHE B 202 30.19 4.42 17.83
N ILE B 203 30.83 3.76 16.85
CA ILE B 203 31.36 2.42 17.02
C ILE B 203 32.56 2.47 18.00
N ASN B 204 33.39 3.55 17.97
CA ASN B 204 34.50 3.70 18.92
C ASN B 204 34.01 3.79 20.37
N VAL B 205 32.97 4.65 20.62
CA VAL B 205 32.30 4.83 21.92
C VAL B 205 31.84 3.46 22.43
N LEU B 206 31.28 2.64 21.51
CA LEU B 206 30.85 1.29 21.85
C LEU B 206 32.04 0.43 22.25
N SER B 207 33.17 0.49 21.49
CA SER B 207 34.39 -0.29 21.76
C SER B 207 34.93 -0.02 23.18
N VAL B 208 34.71 1.20 23.71
CA VAL B 208 35.12 1.64 25.04
C VAL B 208 34.19 1.04 26.10
N LEU B 209 32.87 1.23 25.93
CA LEU B 209 31.85 0.73 26.87
C LEU B 209 31.90 -0.79 26.96
N GLU B 210 32.21 -1.43 25.82
CA GLU B 210 32.36 -2.88 25.68
C GLU B 210 33.59 -3.35 26.49
N LYS B 211 34.64 -2.52 26.57
CA LYS B 211 35.85 -2.88 27.30
C LYS B 211 35.77 -2.48 28.78
N SER B 212 34.76 -1.68 29.21
CA SER B 212 34.61 -1.28 30.64
C SER B 212 33.41 -2.04 31.28
N ASN B 213 33.70 -3.02 32.21
CA ASN B 213 32.66 -3.95 32.70
C ASN B 213 31.61 -3.29 33.62
N ASN B 214 31.89 -2.09 34.03
CA ASN B 214 31.06 -1.25 34.84
C ASN B 214 29.81 -0.74 34.06
N ILE B 215 29.94 -0.50 32.75
CA ILE B 215 28.91 0.07 31.89
C ILE B 215 28.56 -0.91 30.75
N ALA B 216 27.25 -1.16 30.57
CA ALA B 216 26.70 -2.06 29.54
C ALA B 216 25.96 -1.25 28.54
N PHE B 217 26.17 -1.53 27.25
CA PHE B 217 25.41 -0.81 26.25
C PHE B 217 24.30 -1.70 25.68
N LYS B 218 23.20 -1.07 25.33
CA LYS B 218 22.05 -1.73 24.72
C LYS B 218 21.73 -0.95 23.44
N VAL B 219 22.08 -1.52 22.27
CA VAL B 219 21.87 -0.84 20.99
C VAL B 219 20.67 -1.48 20.30
N LEU B 220 19.59 -0.70 20.13
CA LEU B 220 18.38 -1.17 19.48
C LEU B 220 18.18 -0.40 18.18
N ILE B 221 18.33 -1.12 17.06
CA ILE B 221 18.18 -0.58 15.71
C ILE B 221 16.83 -1.03 15.16
N TYR B 222 15.92 -0.07 14.95
CA TYR B 222 14.61 -0.31 14.38
C TYR B 222 14.74 -0.05 12.91
N SER B 223 14.67 -1.10 12.08
CA SER B 223 14.78 -0.84 10.65
C SER B 223 13.79 -1.67 9.78
N ASN B 224 13.48 -1.07 8.63
CA ASN B 224 12.69 -1.56 7.52
C ASN B 224 13.63 -1.48 6.31
N ASN B 225 14.54 -0.47 6.36
CA ASN B 225 15.62 -0.18 5.41
C ASN B 225 16.75 -1.20 5.60
N VAL B 226 17.34 -1.74 4.49
CA VAL B 226 18.43 -2.73 4.59
C VAL B 226 19.75 -2.19 3.97
N SER B 227 19.70 -1.07 3.22
CA SER B 227 20.93 -0.43 2.70
C SER B 227 21.73 0.22 3.84
N ILE B 228 20.98 0.65 4.90
CA ILE B 228 21.47 1.23 6.16
C ILE B 228 21.64 0.08 7.17
N SER B 229 20.64 -0.84 7.27
CA SER B 229 20.68 -2.02 8.16
C SER B 229 21.92 -2.87 7.88
N SER B 230 22.29 -3.05 6.58
CA SER B 230 23.48 -3.81 6.17
C SER B 230 24.77 -3.06 6.49
N LEU B 231 24.75 -1.70 6.39
CA LEU B 231 25.94 -0.89 6.67
C LEU B 231 26.33 -0.95 8.15
N LEU B 232 25.36 -0.77 9.09
CA LEU B 232 25.62 -0.87 10.52
C LEU B 232 26.02 -2.30 10.85
N SER B 233 25.25 -3.28 10.32
CA SER B 233 25.42 -4.75 10.46
C SER B 233 26.87 -5.18 10.30
N THR B 234 27.49 -4.77 9.18
CA THR B 234 28.87 -5.13 8.84
C THR B 234 29.88 -4.36 9.69
N SER B 235 29.68 -3.03 9.86
CA SER B 235 30.57 -2.14 10.63
C SER B 235 30.69 -2.59 12.11
N LEU B 236 29.54 -2.92 12.75
CA LEU B 236 29.47 -3.37 14.14
C LEU B 236 30.16 -4.71 14.31
N LYS B 237 29.82 -5.69 13.43
CA LYS B 237 30.39 -7.05 13.42
C LYS B 237 31.94 -7.00 13.39
N LYS B 238 32.51 -6.18 12.49
CA LYS B 238 33.95 -6.02 12.29
C LYS B 238 34.70 -5.46 13.51
N LYS B 239 34.39 -4.21 13.95
CA LYS B 239 35.13 -3.56 15.04
C LYS B 239 34.81 -4.09 16.48
N LEU B 240 33.56 -4.47 16.78
CA LEU B 240 33.17 -4.91 18.14
C LEU B 240 33.15 -6.42 18.30
N ASN B 241 33.41 -6.88 19.56
CA ASN B 241 33.36 -8.29 20.01
C ASN B 241 31.93 -8.74 20.36
N THR B 242 31.03 -7.75 20.61
CA THR B 242 29.63 -7.94 20.97
C THR B 242 28.90 -8.49 19.71
N LYS B 243 28.31 -9.69 19.81
CA LYS B 243 27.60 -10.31 18.69
C LYS B 243 26.16 -9.78 18.64
N TYR B 244 25.72 -9.34 17.44
CA TYR B 244 24.37 -8.77 17.30
C TYR B 244 23.33 -9.86 17.06
N THR B 245 22.09 -9.57 17.49
CA THR B 245 20.89 -10.39 17.35
C THR B 245 19.94 -9.72 16.38
N VAL B 246 19.25 -10.52 15.58
CA VAL B 246 18.26 -10.01 14.61
C VAL B 246 16.89 -10.53 15.03
N PHE B 247 16.05 -9.64 15.60
CA PHE B 247 14.69 -9.98 15.99
C PHE B 247 13.78 -9.60 14.85
N GLU B 248 13.54 -10.56 13.97
CA GLU B 248 12.74 -10.37 12.78
C GLU B 248 11.26 -10.44 13.09
N MET B 249 10.50 -9.41 12.65
CA MET B 249 9.06 -9.36 12.80
C MET B 249 8.43 -10.34 11.81
N PRO B 250 7.42 -11.14 12.21
CA PRO B 250 6.82 -12.07 11.23
C PRO B 250 5.94 -11.33 10.22
N ILE B 251 5.89 -11.85 8.98
CA ILE B 251 5.04 -11.30 7.92
C ILE B 251 3.75 -12.12 7.94
N LEU B 252 2.62 -11.47 8.21
CA LEU B 252 1.39 -12.21 8.29
C LEU B 252 0.69 -12.34 6.93
N THR B 253 -0.10 -13.41 6.80
CA THR B 253 -0.95 -13.62 5.65
C THR B 253 -2.14 -12.69 5.87
N CYS B 254 -2.85 -12.31 4.79
CA CYS B 254 -4.02 -11.45 4.88
C CYS B 254 -5.01 -12.05 5.90
N ALA B 255 -5.12 -13.41 5.88
CA ALA B 255 -5.92 -14.26 6.74
C ALA B 255 -5.59 -14.04 8.21
N GLN B 256 -4.28 -14.11 8.54
CA GLN B 256 -3.76 -13.93 9.89
C GLN B 256 -3.97 -12.51 10.34
N GLU B 257 -3.66 -11.52 9.47
CA GLU B 257 -3.81 -10.09 9.75
C GLU B 257 -5.24 -9.80 10.15
N GLN B 258 -6.18 -10.42 9.44
CA GLN B 258 -7.61 -10.29 9.67
C GLN B 258 -7.96 -10.82 11.05
N GLU B 259 -7.38 -11.98 11.42
CA GLU B 259 -7.58 -12.64 12.71
C GLU B 259 -7.14 -11.69 13.86
N TYR B 260 -5.97 -11.05 13.70
CA TYR B 260 -5.41 -10.16 14.70
C TYR B 260 -6.09 -8.78 14.75
N LEU B 261 -6.75 -8.35 13.66
CA LEU B 261 -7.52 -7.09 13.66
C LEU B 261 -8.81 -7.33 14.43
N LYS B 262 -9.42 -8.52 14.25
CA LYS B 262 -10.62 -8.93 14.96
C LYS B 262 -10.29 -9.01 16.47
N LYS B 263 -9.12 -9.62 16.81
CA LYS B 263 -8.66 -9.80 18.20
C LYS B 263 -8.50 -8.45 18.92
N MET B 264 -8.04 -7.41 18.19
CA MET B 264 -7.80 -6.06 18.73
C MET B 264 -9.07 -5.37 19.26
N ILE B 265 -10.24 -5.65 18.66
CA ILE B 265 -11.51 -5.02 19.06
C ILE B 265 -12.34 -5.95 19.96
N LYS B 266 -11.71 -7.01 20.51
CA LYS B 266 -12.32 -7.94 21.45
C LYS B 266 -11.80 -7.58 22.84
N PHE B 267 -12.71 -7.16 23.72
CA PHE B 267 -12.38 -6.68 25.05
C PHE B 267 -12.64 -7.74 26.11
N THR B 268 -11.65 -7.96 27.00
CA THR B 268 -11.68 -8.99 28.05
C THR B 268 -11.92 -8.42 29.48
N PHE B 269 -11.70 -7.10 29.71
CA PHE B 269 -11.89 -6.40 30.99
C PHE B 269 -13.27 -6.69 31.58
N ASP B 270 -13.42 -6.73 32.93
CA ASP B 270 -14.71 -6.95 33.61
C ASP B 270 -15.47 -8.16 32.94
N SER B 271 -14.94 -9.38 33.19
CA SER B 271 -15.44 -10.68 32.72
C SER B 271 -16.89 -10.97 33.13
N GLY B 272 -17.26 -10.53 34.34
CA GLY B 272 -18.59 -10.71 34.91
C GLY B 272 -19.57 -9.60 34.57
N SER B 273 -19.62 -9.19 33.28
CA SER B 273 -20.52 -8.16 32.76
C SER B 273 -21.42 -8.78 31.70
N LYS B 274 -22.75 -8.65 31.89
CA LYS B 274 -23.72 -9.18 30.92
C LYS B 274 -23.62 -8.37 29.61
N LEU B 275 -23.32 -7.06 29.75
CA LEU B 275 -23.18 -6.12 28.64
C LEU B 275 -21.93 -6.38 27.81
N LEU B 276 -20.78 -6.69 28.46
CA LEU B 276 -19.53 -6.91 27.72
C LEU B 276 -19.61 -8.14 26.85
N GLN B 277 -20.15 -9.29 27.34
CA GLN B 277 -20.27 -10.47 26.47
C GLN B 277 -21.27 -10.19 25.36
N SER B 278 -22.24 -9.28 25.59
CA SER B 278 -23.21 -8.81 24.61
C SER B 278 -22.48 -8.03 23.50
N TYR B 279 -21.44 -7.26 23.88
CA TYR B 279 -20.62 -6.48 22.95
C TYR B 279 -19.81 -7.43 22.08
N ASN B 280 -18.97 -8.29 22.70
CA ASN B 280 -18.08 -9.21 22.01
C ASN B 280 -18.83 -10.07 21.01
N SER B 281 -20.02 -10.57 21.37
CA SER B 281 -20.83 -11.38 20.45
C SER B 281 -21.20 -10.57 19.20
N LEU B 282 -21.69 -9.31 19.40
CA LEU B 282 -22.08 -8.40 18.31
C LEU B 282 -20.98 -8.30 17.27
N VAL B 283 -19.73 -8.09 17.74
CA VAL B 283 -18.51 -7.97 16.94
C VAL B 283 -18.27 -9.29 16.14
N THR B 284 -18.33 -10.46 16.81
CA THR B 284 -18.06 -11.77 16.22
C THR B 284 -19.01 -12.12 15.10
N CYS B 285 -20.33 -12.06 15.35
CA CYS B 285 -21.31 -12.42 14.34
C CYS B 285 -21.41 -11.34 13.27
N GLN B 286 -21.11 -10.07 13.62
CA GLN B 286 -21.09 -8.99 12.64
C GLN B 286 -20.01 -9.29 11.60
N LEU B 287 -18.82 -9.73 12.07
CA LEU B 287 -17.70 -10.11 11.21
C LEU B 287 -17.96 -11.45 10.48
N ASN B 288 -18.89 -12.29 10.97
CA ASN B 288 -19.19 -13.57 10.30
C ASN B 288 -20.21 -13.37 9.20
N ASN B 289 -20.86 -12.20 9.18
CA ASN B 289 -21.84 -11.81 8.18
C ASN B 289 -21.14 -10.87 7.21
N LYS B 290 -20.81 -11.38 6.01
CA LYS B 290 -20.05 -10.65 4.98
C LYS B 290 -20.77 -9.39 4.44
N GLU B 291 -22.10 -9.31 4.57
CA GLU B 291 -22.84 -8.15 4.09
C GLU B 291 -22.91 -7.04 5.15
N SER B 292 -22.43 -7.31 6.39
CA SER B 292 -22.48 -6.34 7.49
C SER B 292 -21.48 -5.20 7.32
N ASN B 293 -21.75 -4.05 7.96
CA ASN B 293 -20.90 -2.86 7.87
C ASN B 293 -19.46 -3.09 8.37
N LEU B 294 -19.32 -3.90 9.45
CA LEU B 294 -18.02 -4.19 10.07
C LEU B 294 -17.19 -5.11 9.19
N ALA B 295 -17.82 -6.14 8.58
CA ALA B 295 -17.14 -7.08 7.70
C ALA B 295 -16.67 -6.39 6.43
N ILE B 296 -17.47 -5.44 5.93
CA ILE B 296 -17.15 -4.64 4.74
C ILE B 296 -15.95 -3.73 5.06
N PHE B 297 -15.91 -3.12 6.27
CA PHE B 297 -14.80 -2.26 6.70
C PHE B 297 -13.52 -3.07 6.72
N PHE B 298 -13.56 -4.27 7.34
CA PHE B 298 -12.44 -5.19 7.44
C PHE B 298 -11.95 -5.59 6.03
N GLU B 299 -12.88 -5.70 5.07
CA GLU B 299 -12.52 -5.99 3.68
C GLU B 299 -11.66 -4.89 3.10
N PHE B 300 -11.97 -3.59 3.40
CA PHE B 300 -11.16 -2.46 2.94
C PHE B 300 -9.78 -2.57 3.58
N LEU B 301 -9.70 -2.87 4.91
CA LEU B 301 -8.43 -3.00 5.63
C LEU B 301 -7.44 -3.97 4.94
N LYS B 302 -7.98 -4.91 4.13
CA LYS B 302 -7.15 -5.87 3.39
C LYS B 302 -6.24 -5.15 2.36
N VAL B 303 -6.61 -3.90 1.92
CA VAL B 303 -5.84 -3.10 0.95
C VAL B 303 -5.28 -1.75 1.51
N PHE B 304 -5.82 -1.25 2.62
CA PHE B 304 -5.34 0.01 3.18
C PHE B 304 -3.91 -0.16 3.82
N PRO B 305 -2.96 0.79 3.56
CA PRO B 305 -1.60 0.70 4.10
C PRO B 305 -1.42 0.55 5.62
N HIS B 306 -2.28 1.15 6.45
CA HIS B 306 -2.04 0.99 7.90
C HIS B 306 -3.31 0.47 8.55
N PRO B 307 -3.59 -0.85 8.44
CA PRO B 307 -4.88 -1.36 8.92
C PRO B 307 -5.10 -1.26 10.43
N PHE B 308 -4.11 -1.63 11.26
CA PHE B 308 -4.25 -1.58 12.73
C PHE B 308 -4.51 -0.16 13.25
N THR B 309 -3.75 0.83 12.73
CA THR B 309 -3.89 2.24 13.11
C THR B 309 -5.23 2.79 12.63
N TYR B 310 -5.61 2.57 11.35
CA TYR B 310 -6.89 3.04 10.80
C TYR B 310 -8.06 2.49 11.64
N LEU B 311 -8.05 1.19 11.94
CA LEU B 311 -9.11 0.58 12.73
C LEU B 311 -9.07 1.17 14.13
N PHE B 312 -7.86 1.26 14.72
CA PHE B 312 -7.68 1.82 16.06
C PHE B 312 -8.26 3.22 16.14
N ASN B 313 -7.92 4.07 15.16
CA ASN B 313 -8.37 5.44 15.11
C ASN B 313 -9.86 5.54 15.00
N ALA B 314 -10.46 4.86 13.99
CA ALA B 314 -11.90 4.90 13.77
C ALA B 314 -12.66 4.39 15.01
N TYR B 315 -12.26 3.22 15.55
CA TYR B 315 -12.88 2.62 16.72
C TYR B 315 -12.81 3.56 17.92
N THR B 316 -11.67 4.27 18.11
CA THR B 316 -11.49 5.26 19.18
C THR B 316 -12.59 6.33 19.04
N GLU B 317 -12.76 6.86 17.81
CA GLU B 317 -13.73 7.90 17.49
C GLU B 317 -15.14 7.41 17.84
N ILE B 318 -15.54 6.22 17.33
CA ILE B 318 -16.84 5.60 17.61
C ILE B 318 -17.09 5.54 19.14
N ILE B 319 -16.09 5.01 19.91
CA ILE B 319 -16.20 4.83 21.36
C ILE B 319 -16.46 6.18 22.04
N VAL B 320 -15.60 7.12 21.75
CA VAL B 320 -15.56 8.46 22.30
C VAL B 320 -16.76 9.32 21.86
N GLN B 321 -17.32 9.06 20.67
CA GLN B 321 -18.47 9.78 20.11
C GLN B 321 -19.79 9.34 20.77
N SER B 322 -19.93 8.04 21.03
CA SER B 322 -21.11 7.47 21.67
C SER B 322 -21.30 8.03 23.10
N ARG B 323 -22.58 8.21 23.49
CA ARG B 323 -22.97 8.76 24.79
C ARG B 323 -23.51 7.65 25.70
N THR B 324 -24.13 6.61 25.08
CA THR B 324 -24.70 5.42 25.71
C THR B 324 -24.14 4.14 25.06
N PHE B 325 -24.17 2.99 25.80
CA PHE B 325 -23.72 1.67 25.32
C PHE B 325 -24.51 1.26 24.07
N ASP B 326 -25.82 1.59 24.05
CA ASP B 326 -26.76 1.34 22.96
C ASP B 326 -26.32 2.07 21.70
N GLU B 327 -25.91 3.35 21.86
CA GLU B 327 -25.40 4.20 20.78
C GLU B 327 -24.09 3.65 20.22
N LEU B 328 -23.20 3.08 21.09
CA LEU B 328 -21.93 2.46 20.67
C LEU B 328 -22.18 1.27 19.76
N LEU B 329 -23.09 0.36 20.19
CA LEU B 329 -23.44 -0.83 19.41
C LEU B 329 -24.10 -0.43 18.11
N ASP B 330 -24.92 0.64 18.11
CA ASP B 330 -25.59 1.15 16.91
C ASP B 330 -24.56 1.63 15.88
N LYS B 331 -23.49 2.28 16.35
CA LYS B 331 -22.41 2.77 15.49
C LYS B 331 -21.64 1.59 14.91
N ILE B 332 -21.26 0.58 15.74
CA ILE B 332 -20.56 -0.63 15.30
C ILE B 332 -21.39 -1.36 14.20
N ARG B 333 -22.72 -1.35 14.35
CA ARG B 333 -23.63 -2.01 13.42
C ARG B 333 -23.88 -1.26 12.13
N ASN B 334 -24.14 0.06 12.24
CA ASN B 334 -24.59 0.86 11.10
C ASN B 334 -23.79 2.12 10.75
N ARG B 335 -22.93 2.65 11.64
CA ARG B 335 -22.24 3.89 11.29
C ARG B 335 -20.78 3.71 10.85
N LEU B 336 -20.13 2.57 11.20
CA LEU B 336 -18.72 2.31 10.87
C LEU B 336 -18.54 1.97 9.37
N THR B 337 -18.15 2.99 8.59
CA THR B 337 -17.92 2.88 7.14
C THR B 337 -16.70 3.73 6.73
N ILE B 338 -16.10 3.38 5.59
CA ILE B 338 -14.99 4.05 4.90
C ILE B 338 -15.39 5.50 4.56
N LYS B 339 -16.69 5.70 4.30
CA LYS B 339 -17.30 6.97 3.93
C LYS B 339 -17.44 7.85 5.18
N ASN B 340 -18.00 7.28 6.27
CA ASN B 340 -18.24 7.99 7.53
C ASN B 340 -16.95 8.27 8.29
N TYR B 341 -16.01 7.30 8.33
CA TYR B 341 -14.73 7.41 9.03
C TYR B 341 -13.60 7.26 8.03
N PRO B 342 -13.37 8.24 7.11
CA PRO B 342 -12.27 8.08 6.15
C PRO B 342 -10.92 8.25 6.82
N HIS B 343 -9.93 7.58 6.24
CA HIS B 343 -8.54 7.60 6.67
C HIS B 343 -7.88 8.95 6.44
N SER B 344 -8.45 9.77 5.55
CA SER B 344 -7.94 11.12 5.30
C SER B 344 -7.88 11.93 6.61
N ALA B 345 -8.86 11.71 7.51
CA ALA B 345 -9.03 12.36 8.81
C ALA B 345 -7.92 12.08 9.81
N TYR B 346 -7.07 11.04 9.58
CA TYR B 346 -6.00 10.69 10.50
C TYR B 346 -4.60 10.89 9.92
N ASN B 347 -3.62 11.06 10.84
CA ASN B 347 -2.19 11.19 10.54
C ASN B 347 -1.58 9.80 10.79
N PHE B 348 -1.07 9.18 9.74
CA PHE B 348 -0.49 7.85 9.92
C PHE B 348 1.01 8.04 9.99
N LYS B 349 1.47 8.63 11.09
CA LYS B 349 2.89 8.91 11.27
C LYS B 349 3.55 7.63 11.76
N LYS B 350 4.55 7.12 10.98
CA LYS B 350 5.24 5.85 11.22
C LYS B 350 6.00 5.80 12.58
N ASN B 351 6.51 6.93 13.07
CA ASN B 351 7.21 6.96 14.34
C ASN B 351 6.27 7.42 15.46
N GLN B 352 4.92 7.33 15.25
CA GLN B 352 3.90 7.70 16.24
C GLN B 352 3.88 6.74 17.42
N ARG B 353 3.63 7.26 18.64
CA ARG B 353 3.59 6.47 19.87
C ARG B 353 2.45 6.95 20.75
N LEU B 354 1.76 6.03 21.41
CA LEU B 354 0.64 6.33 22.30
C LEU B 354 1.08 6.78 23.70
N PRO B 355 0.22 7.56 24.43
CA PRO B 355 0.56 7.94 25.81
C PRO B 355 0.86 6.76 26.73
N LEU B 356 1.58 7.03 27.83
CA LEU B 356 2.01 6.04 28.82
C LEU B 356 0.86 5.46 29.66
N LYS B 357 1.13 4.30 30.30
CA LYS B 357 0.20 3.48 31.09
C LYS B 357 -0.58 4.24 32.22
N LEU B 358 0.09 4.57 33.37
CA LEU B 358 -0.48 5.22 34.56
C LEU B 358 -1.31 6.48 34.22
N SER C 50 1.65 42.22 42.89
CA SER C 50 2.22 41.37 43.92
C SER C 50 2.47 39.92 43.43
N ASP C 51 3.01 39.04 44.32
CA ASP C 51 3.22 37.61 44.09
C ASP C 51 1.83 36.96 43.81
N PHE C 52 0.81 37.44 44.55
CA PHE C 52 -0.60 37.05 44.47
C PHE C 52 -1.28 37.75 43.30
N SER C 53 -2.30 37.09 42.72
CA SER C 53 -3.10 37.59 41.60
C SER C 53 -4.47 36.95 41.68
N ASN C 54 -5.55 37.71 41.37
CA ASN C 54 -6.90 37.16 41.43
C ASN C 54 -7.21 36.32 40.16
N GLU C 55 -6.17 36.07 39.35
CA GLU C 55 -6.19 35.24 38.15
C GLU C 55 -5.82 33.81 38.52
N ASP C 56 -5.34 33.59 39.77
CA ASP C 56 -4.92 32.26 40.22
C ASP C 56 -6.05 31.24 40.11
N ILE C 57 -7.30 31.65 40.41
CA ILE C 57 -8.51 30.82 40.37
C ILE C 57 -8.74 30.17 38.98
N TYR C 58 -8.16 30.77 37.91
CA TYR C 58 -8.27 30.32 36.53
C TYR C 58 -7.19 29.28 36.21
N ASP C 59 -6.10 29.28 36.98
CA ASP C 59 -5.00 28.33 36.81
C ASP C 59 -5.09 27.18 37.81
N ASN C 60 -5.62 27.46 39.03
CA ASN C 60 -5.77 26.59 40.20
C ASN C 60 -6.65 25.34 40.03
N ILE C 61 -7.43 25.24 38.92
CA ILE C 61 -8.35 24.13 38.63
C ILE C 61 -7.62 22.77 38.78
N ASP C 62 -8.17 21.87 39.63
CA ASP C 62 -7.61 20.54 39.86
C ASP C 62 -8.01 19.61 38.70
N PRO C 63 -7.04 19.06 37.91
CA PRO C 63 -7.42 18.20 36.79
C PRO C 63 -8.02 16.86 37.21
N ASP C 64 -7.86 16.47 38.48
CA ASP C 64 -8.41 15.23 39.03
C ASP C 64 -9.94 15.31 39.19
N THR C 65 -10.51 16.54 39.25
CA THR C 65 -11.96 16.77 39.35
C THR C 65 -12.63 16.75 37.94
N ILE C 66 -11.81 16.67 36.86
CA ILE C 66 -12.30 16.63 35.49
C ILE C 66 -12.25 15.18 35.00
N SER C 67 -13.45 14.61 34.73
CA SER C 67 -13.60 13.24 34.21
C SER C 67 -13.00 13.19 32.81
N PHE C 68 -12.20 12.15 32.51
CA PHE C 68 -11.54 12.05 31.22
C PHE C 68 -12.10 10.91 30.33
N PRO C 69 -12.37 11.15 29.01
CA PRO C 69 -12.25 12.43 28.29
C PRO C 69 -13.42 13.37 28.64
N PRO C 70 -13.20 14.71 28.73
CA PRO C 70 -14.32 15.62 29.02
C PRO C 70 -15.31 15.63 27.87
N LYS C 71 -16.57 15.92 28.20
CA LYS C 71 -17.69 15.96 27.26
C LYS C 71 -17.42 16.97 26.12
N ILE C 72 -16.74 18.09 26.42
CA ILE C 72 -16.40 19.15 25.47
C ILE C 72 -15.30 18.73 24.48
N ALA C 73 -14.45 17.76 24.86
CA ALA C 73 -13.36 17.26 24.02
C ALA C 73 -13.91 16.34 22.97
N THR C 74 -14.35 16.93 21.85
CA THR C 74 -14.99 16.27 20.69
C THR C 74 -13.95 15.89 19.64
N THR C 75 -14.30 14.93 18.78
CA THR C 75 -13.37 14.41 17.78
C THR C 75 -12.93 15.43 16.74
N ASP C 76 -13.69 16.53 16.53
CA ASP C 76 -13.35 17.54 15.53
C ASP C 76 -12.26 18.51 16.03
N LEU C 77 -11.90 18.38 17.33
CA LEU C 77 -10.90 19.21 17.99
C LEU C 77 -9.70 18.40 18.42
N PHE C 78 -9.89 17.09 18.68
CA PHE C 78 -8.81 16.25 19.17
C PHE C 78 -8.63 14.99 18.34
N LEU C 79 -7.37 14.58 18.20
CA LEU C 79 -7.01 13.37 17.45
C LEU C 79 -7.20 12.08 18.31
N PRO C 80 -7.29 10.86 17.68
CA PRO C 80 -7.48 9.63 18.48
C PRO C 80 -6.47 9.41 19.61
N LEU C 81 -5.22 9.90 19.44
CA LEU C 81 -4.17 9.81 20.46
C LEU C 81 -4.57 10.46 21.78
N PHE C 82 -5.22 11.65 21.70
CA PHE C 82 -5.66 12.42 22.86
C PHE C 82 -6.54 11.60 23.78
N PHE C 83 -7.46 10.82 23.22
CA PHE C 83 -8.39 10.03 24.01
C PHE C 83 -7.74 8.85 24.72
N HIS C 84 -6.44 8.63 24.46
CA HIS C 84 -5.71 7.55 25.09
C HIS C 84 -4.80 8.05 26.25
N PHE C 85 -4.99 9.30 26.71
CA PHE C 85 -4.36 9.76 27.93
C PHE C 85 -5.15 9.12 29.06
N GLY C 86 -4.48 8.74 30.14
CA GLY C 86 -5.13 8.07 31.27
C GLY C 86 -6.11 8.93 32.04
N SER C 87 -5.73 10.19 32.29
CA SER C 87 -6.46 11.16 33.07
C SER C 87 -6.35 12.51 32.47
N THR C 88 -7.08 13.49 33.03
CA THR C 88 -6.99 14.88 32.61
C THR C 88 -5.63 15.40 33.06
N ARG C 89 -5.12 14.92 34.23
CA ARG C 89 -3.82 15.29 34.76
C ARG C 89 -2.70 14.80 33.84
N GLN C 90 -2.78 13.55 33.34
CA GLN C 90 -1.78 12.98 32.44
C GLN C 90 -1.64 13.85 31.18
N PHE C 91 -2.77 14.30 30.60
CA PHE C 91 -2.78 15.16 29.42
C PHE C 91 -2.15 16.51 29.75
N MET C 92 -2.56 17.10 30.88
CA MET C 92 -2.09 18.40 31.36
C MET C 92 -0.60 18.41 31.54
N ASP C 93 -0.06 17.36 32.17
CA ASP C 93 1.36 17.20 32.41
C ASP C 93 2.12 17.08 31.09
N LYS C 94 1.55 16.41 30.07
CA LYS C 94 2.17 16.34 28.75
C LYS C 94 2.11 17.72 28.08
N LEU C 95 0.94 18.41 28.15
CA LEU C 95 0.75 19.74 27.57
C LEU C 95 1.82 20.69 28.13
N HIS C 96 2.01 20.72 29.47
CA HIS C 96 3.03 21.52 30.14
C HIS C 96 4.42 21.20 29.61
N GLU C 97 4.73 19.89 29.41
CA GLU C 97 6.02 19.40 28.91
C GLU C 97 6.34 19.98 27.53
N VAL C 98 5.35 20.01 26.63
CA VAL C 98 5.50 20.49 25.25
C VAL C 98 5.69 22.02 25.22
N ILE C 99 4.73 22.75 25.80
CA ILE C 99 4.63 24.20 25.93
C ILE C 99 5.96 24.80 26.48
N SER C 100 6.65 24.04 27.35
CA SER C 100 7.90 24.44 27.99
C SER C 100 9.14 24.27 27.10
N GLY C 101 8.95 23.78 25.86
CA GLY C 101 10.04 23.63 24.91
C GLY C 101 10.74 24.93 24.59
N ASP C 102 12.04 24.85 24.19
CA ASP C 102 12.86 26.03 23.86
C ASP C 102 12.55 26.59 22.45
N TYR C 103 11.29 27.04 22.27
CA TYR C 103 10.79 27.62 21.02
C TYR C 103 11.20 29.10 20.90
N GLU C 104 11.23 29.60 19.66
CA GLU C 104 11.52 30.99 19.30
C GLU C 104 10.23 31.58 18.73
N PRO C 105 9.95 32.89 18.93
CA PRO C 105 8.67 33.47 18.47
C PRO C 105 8.16 33.08 17.06
N SER C 106 9.08 32.80 16.12
CA SER C 106 8.73 32.40 14.75
C SER C 106 8.08 31.00 14.65
N GLN C 107 8.63 30.04 15.43
CA GLN C 107 8.34 28.60 15.51
C GLN C 107 6.91 28.24 16.03
N ALA C 108 5.89 29.03 15.67
CA ALA C 108 4.50 28.71 16.02
C ALA C 108 4.06 27.48 15.22
N GLU C 109 4.58 27.34 13.97
CA GLU C 109 4.30 26.23 13.06
C GLU C 109 4.85 24.91 13.63
N LYS C 110 6.00 24.97 14.33
CA LYS C 110 6.61 23.79 14.96
C LYS C 110 5.77 23.40 16.16
N LEU C 111 5.47 24.37 17.05
CA LEU C 111 4.68 24.13 18.25
C LEU C 111 3.33 23.49 17.90
N VAL C 112 2.62 24.02 16.87
CA VAL C 112 1.33 23.50 16.42
C VAL C 112 1.47 22.02 16.01
N GLN C 113 2.62 21.68 15.38
CA GLN C 113 2.93 20.31 14.95
C GLN C 113 3.22 19.43 16.15
N ASP C 114 4.06 19.92 17.08
CA ASP C 114 4.43 19.19 18.30
C ASP C 114 3.21 18.94 19.20
N LEU C 115 2.26 19.90 19.29
CA LEU C 115 1.03 19.78 20.08
C LEU C 115 0.13 18.72 19.44
N CYS C 116 0.22 18.60 18.11
CA CYS C 116 -0.52 17.63 17.36
C CYS C 116 0.08 16.21 17.58
N ASP C 117 1.40 16.08 17.43
CA ASP C 117 2.07 14.79 17.56
C ASP C 117 2.10 14.29 19.02
N GLU C 118 2.46 15.14 20.00
CA GLU C 118 2.63 14.76 21.40
C GLU C 118 1.35 14.79 22.25
N THR C 119 0.42 15.76 22.05
CA THR C 119 -0.79 15.83 22.89
C THR C 119 -2.08 15.51 22.13
N GLY C 120 -2.02 15.37 20.82
CA GLY C 120 -3.21 15.00 20.05
C GLY C 120 -4.24 16.11 19.91
N ILE C 121 -3.76 17.35 19.86
CA ILE C 121 -4.63 18.51 19.62
C ILE C 121 -4.55 18.80 18.12
N ARG C 122 -5.69 18.75 17.45
CA ARG C 122 -5.78 19.02 16.02
C ARG C 122 -5.15 20.40 15.72
N LYS C 123 -4.25 20.44 14.72
CA LYS C 123 -3.46 21.59 14.26
C LYS C 123 -4.29 22.88 14.16
N ASN C 124 -5.48 22.81 13.55
CA ASN C 124 -6.33 23.98 13.37
C ASN C 124 -6.88 24.52 14.68
N PHE C 125 -7.16 23.63 15.65
CA PHE C 125 -7.61 24.01 16.99
C PHE C 125 -6.46 24.68 17.78
N SER C 126 -5.22 24.15 17.71
CA SER C 126 -4.06 24.75 18.37
C SER C 126 -3.83 26.16 17.80
N THR C 127 -3.94 26.32 16.47
CA THR C 127 -3.80 27.63 15.82
C THR C 127 -4.88 28.57 16.31
N SER C 128 -6.13 28.07 16.40
CA SER C 128 -7.27 28.84 16.89
C SER C 128 -6.97 29.35 18.31
N ILE C 129 -6.49 28.45 19.19
CA ILE C 129 -6.14 28.72 20.59
C ILE C 129 -5.03 29.78 20.65
N LEU C 130 -3.90 29.57 19.93
CA LEU C 130 -2.76 30.49 19.90
C LEU C 130 -3.17 31.91 19.51
N THR C 131 -4.06 32.05 18.52
CA THR C 131 -4.53 33.37 18.09
C THR C 131 -5.30 34.04 19.20
N CYS C 132 -6.16 33.29 19.89
CA CYS C 132 -6.96 33.88 20.97
C CYS C 132 -6.12 34.16 22.25
N LEU C 133 -4.91 33.56 22.38
CA LEU C 133 -4.05 33.75 23.55
C LEU C 133 -3.02 34.83 23.29
N SER C 134 -2.98 35.33 22.04
CA SER C 134 -2.08 36.36 21.49
C SER C 134 -0.61 35.88 21.56
N GLY C 135 -0.45 34.56 21.43
CA GLY C 135 0.84 33.89 21.45
C GLY C 135 1.38 33.60 22.84
N ASP C 136 0.67 34.01 23.91
CA ASP C 136 1.11 33.83 25.31
C ASP C 136 1.01 32.36 25.74
N LEU C 137 2.12 31.61 25.57
CA LEU C 137 2.20 30.17 25.87
C LEU C 137 1.92 29.85 27.33
N MET C 138 2.06 30.84 28.20
CA MET C 138 1.81 30.78 29.64
C MET C 138 0.33 30.48 29.94
N VAL C 139 -0.59 31.09 29.16
CA VAL C 139 -2.04 30.96 29.39
C VAL C 139 -2.64 29.72 28.60
N PHE C 140 -1.77 28.88 27.98
CA PHE C 140 -2.18 27.66 27.27
C PHE C 140 -2.77 26.62 28.25
N PRO C 141 -2.11 26.23 29.37
CA PRO C 141 -2.75 25.28 30.31
C PRO C 141 -4.06 25.79 30.94
N ARG C 142 -4.21 27.15 31.06
CA ARG C 142 -5.39 27.85 31.59
C ARG C 142 -6.59 27.66 30.64
N TYR C 143 -6.32 27.67 29.32
CA TYR C 143 -7.37 27.51 28.31
C TYR C 143 -8.06 26.17 28.47
N PHE C 144 -7.29 25.07 28.49
CA PHE C 144 -7.86 23.73 28.53
C PHE C 144 -8.56 23.43 29.85
N LEU C 145 -7.97 23.85 30.99
CA LEU C 145 -8.58 23.60 32.31
C LEU C 145 -9.97 24.22 32.42
N ASN C 146 -10.14 25.44 31.90
CA ASN C 146 -11.43 26.14 31.91
C ASN C 146 -12.37 25.59 30.83
N MET C 147 -11.82 25.18 29.68
CA MET C 147 -12.59 24.59 28.57
C MET C 147 -13.23 23.28 29.04
N PHE C 148 -12.47 22.47 29.80
CA PHE C 148 -12.89 21.17 30.32
C PHE C 148 -13.81 21.30 31.55
N LYS C 149 -13.45 22.15 32.55
CA LYS C 149 -14.22 22.33 33.77
C LYS C 149 -15.62 22.86 33.46
N ASP C 150 -15.68 23.98 32.70
CA ASP C 150 -16.92 24.68 32.35
C ASP C 150 -17.68 24.03 31.18
N ASN C 151 -17.03 23.12 30.42
CA ASN C 151 -17.55 22.40 29.24
C ASN C 151 -18.05 23.37 28.18
N VAL C 152 -17.22 24.38 27.88
CA VAL C 152 -17.48 25.43 26.92
C VAL C 152 -16.22 25.67 26.07
N ASN C 153 -16.38 25.73 24.75
CA ASN C 153 -15.26 26.03 23.87
C ASN C 153 -15.60 27.16 22.88
N PRO C 154 -14.85 28.28 22.93
CA PRO C 154 -13.76 28.60 23.88
C PRO C 154 -14.31 29.07 25.24
N PRO C 155 -13.52 29.07 26.35
CA PRO C 155 -14.04 29.60 27.63
C PRO C 155 -14.34 31.09 27.46
N PRO C 156 -15.54 31.60 27.87
CA PRO C 156 -15.87 33.01 27.57
C PRO C 156 -15.13 34.01 28.45
N ASN C 157 -15.54 34.14 29.73
CA ASN C 157 -14.93 35.10 30.64
C ASN C 157 -13.72 34.50 31.40
N VAL C 158 -12.55 34.50 30.73
CA VAL C 158 -11.26 34.07 31.29
C VAL C 158 -10.19 35.09 30.86
N PRO C 159 -9.50 35.73 31.83
CA PRO C 159 -8.42 36.68 31.48
C PRO C 159 -7.36 36.01 30.62
N GLY C 160 -7.03 36.61 29.48
CA GLY C 160 -6.04 36.04 28.57
C GLY C 160 -6.62 35.27 27.41
N ILE C 161 -7.89 34.83 27.54
CA ILE C 161 -8.64 34.12 26.51
C ILE C 161 -9.56 35.14 25.87
N TRP C 162 -9.12 35.67 24.70
CA TRP C 162 -9.78 36.71 23.90
C TRP C 162 -10.88 36.14 23.00
N THR C 163 -12.14 36.35 23.41
CA THR C 163 -13.32 35.87 22.67
C THR C 163 -13.53 36.74 21.42
N HIS C 164 -14.46 36.33 20.54
CA HIS C 164 -14.80 37.10 19.34
C HIS C 164 -15.42 38.44 19.74
N ASP C 165 -16.33 38.42 20.74
CA ASP C 165 -17.04 39.58 21.28
C ASP C 165 -16.08 40.57 21.96
N ASP C 166 -14.97 40.04 22.53
CA ASP C 166 -13.89 40.82 23.16
C ASP C 166 -13.16 41.64 22.10
N ASP C 167 -12.93 41.00 20.93
CA ASP C 167 -12.26 41.61 19.80
C ASP C 167 -13.17 42.68 19.16
N GLU C 168 -14.51 42.42 19.12
CA GLU C 168 -15.52 43.36 18.60
C GLU C 168 -15.60 44.60 19.48
N SER C 169 -15.40 44.42 20.80
CA SER C 169 -15.39 45.49 21.81
C SER C 169 -14.14 46.36 21.64
N LEU C 170 -12.99 45.73 21.31
CA LEU C 170 -11.72 46.42 21.07
C LEU C 170 -11.78 47.24 19.79
N LYS C 171 -12.48 46.73 18.75
CA LYS C 171 -12.67 47.38 17.43
C LYS C 171 -13.36 48.74 17.61
N SER C 172 -14.42 48.78 18.43
CA SER C 172 -15.13 50.02 18.73
C SER C 172 -14.33 50.87 19.71
N ASN C 173 -14.30 52.19 19.49
CA ASN C 173 -13.59 53.16 20.34
C ASN C 173 -14.46 53.56 21.58
N ASP C 174 -15.50 52.75 21.88
CA ASP C 174 -16.43 52.93 23.01
C ASP C 174 -15.71 52.65 24.34
N GLN C 175 -15.51 53.71 25.15
CA GLN C 175 -14.81 53.68 26.44
C GLN C 175 -15.51 52.78 27.47
N GLU C 176 -16.84 52.57 27.34
CA GLU C 176 -17.61 51.69 28.22
C GLU C 176 -17.18 50.22 28.00
N GLN C 177 -17.16 49.78 26.72
CA GLN C 177 -16.73 48.43 26.31
C GLN C 177 -15.26 48.21 26.65
N ILE C 178 -14.41 49.23 26.38
CA ILE C 178 -12.96 49.22 26.60
C ILE C 178 -12.67 49.10 28.14
N ARG C 179 -13.49 49.72 29.02
CA ARG C 179 -13.30 49.60 30.48
C ARG C 179 -13.54 48.14 30.90
N LYS C 180 -14.62 47.50 30.39
CA LYS C 180 -14.98 46.11 30.65
C LYS C 180 -13.86 45.14 30.19
N LEU C 181 -13.22 45.43 29.04
CA LEU C 181 -12.11 44.65 28.48
C LEU C 181 -10.85 44.77 29.31
N VAL C 182 -10.52 45.99 29.73
CA VAL C 182 -9.33 46.24 30.54
C VAL C 182 -9.52 45.67 31.97
N LYS C 183 -10.79 45.50 32.41
CA LYS C 183 -11.09 44.92 33.72
C LYS C 183 -10.97 43.38 33.62
N LYS C 184 -11.13 42.83 32.39
CA LYS C 184 -11.04 41.39 32.15
C LYS C 184 -9.58 40.96 31.94
N HIS C 185 -8.87 41.58 30.99
CA HIS C 185 -7.51 41.18 30.61
C HIS C 185 -6.37 42.06 31.16
N GLY C 186 -6.63 43.33 31.42
CA GLY C 186 -5.61 44.26 31.90
C GLY C 186 -5.00 45.09 30.79
N THR C 187 -4.35 46.22 31.13
CA THR C 187 -3.71 47.10 30.14
C THR C 187 -2.58 46.38 29.36
N GLY C 188 -1.87 45.47 30.03
CA GLY C 188 -0.78 44.68 29.44
C GLY C 188 -1.24 43.89 28.23
N ARG C 189 -2.29 43.09 28.43
CA ARG C 189 -2.92 42.27 27.40
C ARG C 189 -3.63 43.12 26.35
N MET C 190 -4.09 44.30 26.75
CA MET C 190 -4.76 45.27 25.90
C MET C 190 -3.81 45.79 24.84
N GLU C 191 -2.63 46.29 25.29
CA GLU C 191 -1.59 46.83 24.41
C GLU C 191 -0.97 45.70 23.58
N MET C 192 -0.98 44.47 24.11
CA MET C 192 -0.50 43.33 23.35
C MET C 192 -1.47 42.97 22.23
N ARG C 193 -2.79 43.08 22.49
CA ARG C 193 -3.85 42.80 21.50
C ARG C 193 -3.88 43.88 20.42
N LYS C 194 -3.64 45.15 20.81
CA LYS C 194 -3.56 46.28 19.90
C LYS C 194 -2.41 46.03 18.90
N ARG C 195 -1.19 45.75 19.44
CA ARG C 195 0.06 45.44 18.72
C ARG C 195 -0.14 44.24 17.77
N PHE C 196 -0.94 43.28 18.21
CA PHE C 196 -1.28 42.04 17.53
C PHE C 196 -2.13 42.29 16.28
N PHE C 197 -3.21 43.11 16.37
CA PHE C 197 -4.10 43.30 15.24
C PHE C 197 -3.66 44.39 14.26
N GLU C 198 -2.84 45.39 14.69
CA GLU C 198 -2.32 46.41 13.76
C GLU C 198 -1.33 45.74 12.76
N LYS C 199 -1.05 44.44 13.01
CA LYS C 199 -0.22 43.55 12.21
C LYS C 199 -1.12 42.51 11.48
N ASP C 200 -1.90 41.69 12.25
CA ASP C 200 -2.81 40.65 11.76
C ASP C 200 -3.93 41.22 10.89
N PHE D 1 -0.40 28.27 7.81
CA PHE D 1 0.78 28.69 7.05
C PHE D 1 0.85 30.22 6.91
N THR D 2 -0.33 30.86 6.65
CA THR D 2 -0.48 32.31 6.51
C THR D 2 -0.46 32.96 7.91
N VAL D 3 -1.38 32.52 8.79
CA VAL D 3 -1.52 33.01 10.17
C VAL D 3 -0.29 32.68 11.02
N LEU D 4 0.26 31.45 10.89
CA LEU D 4 1.40 30.90 11.64
C LEU D 4 2.76 31.59 11.37
N ARG D 5 2.95 32.13 10.15
CA ARG D 5 4.17 32.85 9.77
C ARG D 5 4.23 34.17 10.56
N LYS D 6 3.11 34.93 10.56
CA LYS D 6 2.92 36.22 11.23
C LYS D 6 2.77 36.09 12.76
N LEU D 7 2.22 34.95 13.28
CA LEU D 7 1.99 34.70 14.72
C LEU D 7 3.29 34.58 15.50
N ASN D 8 3.42 35.39 16.54
CA ASN D 8 4.61 35.39 17.38
C ASN D 8 4.32 34.77 18.75
N LEU D 9 5.19 33.81 19.15
CA LEU D 9 5.11 33.08 20.42
C LEU D 9 5.69 33.88 21.57
N VAL D 10 5.19 33.64 22.79
CA VAL D 10 5.66 34.25 24.03
C VAL D 10 6.19 33.05 24.88
N PRO D 11 7.43 32.56 24.58
CA PRO D 11 7.99 31.39 25.28
C PRO D 11 8.07 31.51 26.81
N ILE D 12 8.25 30.34 27.45
CA ILE D 12 8.30 30.18 28.91
C ILE D 12 9.72 30.48 29.46
N LYS D 13 9.76 31.13 30.65
CA LYS D 13 10.98 31.50 31.39
C LYS D 13 11.60 30.26 32.05
N SER E 50 -10.63 -40.42 -43.07
CA SER E 50 -9.68 -39.87 -44.04
C SER E 50 -8.98 -38.61 -43.48
N ASP E 51 -8.05 -38.02 -44.30
CA ASP E 51 -7.36 -36.75 -44.01
C ASP E 51 -8.42 -35.63 -43.87
N PHE E 52 -9.47 -35.70 -44.71
CA PHE E 52 -10.64 -34.82 -44.76
C PHE E 52 -11.65 -35.20 -43.69
N SER E 53 -12.42 -34.22 -43.21
CA SER E 53 -13.45 -34.38 -42.20
C SER E 53 -14.51 -33.31 -42.38
N ASN E 54 -15.80 -33.62 -42.16
CA ASN E 54 -16.86 -32.63 -42.33
C ASN E 54 -16.96 -31.70 -41.09
N GLU E 55 -15.97 -31.83 -40.20
CA GLU E 55 -15.78 -31.04 -38.99
C GLU E 55 -14.90 -29.85 -39.30
N ASP E 56 -14.28 -29.82 -40.51
CA ASP E 56 -13.37 -28.74 -40.90
C ASP E 56 -14.07 -27.38 -40.87
N ILE E 57 -15.36 -27.32 -41.27
CA ILE E 57 -16.19 -26.11 -41.31
C ILE E 57 -16.27 -25.40 -39.93
N TYR E 58 -16.04 -26.15 -38.84
CA TYR E 58 -16.09 -25.67 -37.46
C TYR E 58 -14.74 -25.09 -37.03
N ASP E 59 -13.65 -25.49 -37.72
CA ASP E 59 -12.31 -25.00 -37.43
C ASP E 59 -11.89 -23.91 -38.43
N ASN E 60 -12.39 -23.99 -39.68
CA ASN E 60 -12.13 -23.13 -40.85
C ASN E 60 -12.48 -21.64 -40.71
N ILE E 61 -13.27 -21.25 -39.68
CA ILE E 61 -13.73 -19.88 -39.43
C ILE E 61 -12.55 -18.87 -39.48
N ASP E 62 -12.68 -17.83 -40.35
CA ASP E 62 -11.66 -16.79 -40.50
C ASP E 62 -11.79 -15.77 -39.37
N PRO E 63 -10.76 -15.59 -38.51
CA PRO E 63 -10.89 -14.63 -37.39
C PRO E 63 -10.94 -13.17 -37.82
N ASP E 64 -10.56 -12.87 -39.08
CA ASP E 64 -10.58 -11.53 -39.63
C ASP E 64 -12.01 -11.06 -39.91
N THR E 65 -12.98 -12.00 -40.04
CA THR E 65 -14.41 -11.70 -40.25
C THR E 65 -15.13 -11.45 -38.91
N ILE E 66 -14.44 -11.66 -37.77
CA ILE E 66 -14.97 -11.42 -36.44
C ILE E 66 -14.46 -10.07 -35.90
N SER E 67 -15.40 -9.11 -35.72
CA SER E 67 -15.08 -7.77 -35.20
C SER E 67 -14.61 -7.91 -33.76
N PHE E 68 -13.51 -7.22 -33.38
CA PHE E 68 -12.97 -7.34 -32.04
C PHE E 68 -13.13 -6.07 -31.19
N PRO E 69 -13.59 -6.17 -29.90
CA PRO E 69 -14.01 -7.38 -29.20
C PRO E 69 -15.40 -7.85 -29.63
N PRO E 70 -15.62 -9.17 -29.70
CA PRO E 70 -16.94 -9.68 -30.11
C PRO E 70 -18.02 -9.29 -29.08
N LYS E 71 -19.28 -9.17 -29.55
CA LYS E 71 -20.42 -8.79 -28.69
C LYS E 71 -20.63 -9.81 -27.55
N ILE E 72 -20.37 -11.10 -27.84
CA ILE E 72 -20.52 -12.23 -26.90
C ILE E 72 -19.44 -12.24 -25.81
N ALA E 73 -18.27 -11.61 -26.08
CA ALA E 73 -17.14 -11.52 -25.16
C ALA E 73 -17.38 -10.44 -24.13
N THR E 74 -18.11 -10.82 -23.07
CA THR E 74 -18.55 -9.96 -21.96
C THR E 74 -17.54 -9.98 -20.82
N THR E 75 -17.58 -8.94 -19.97
CA THR E 75 -16.63 -8.78 -18.88
C THR E 75 -16.69 -9.90 -17.83
N ASP E 76 -17.81 -10.62 -17.70
CA ASP E 76 -17.94 -11.69 -16.71
C ASP E 76 -17.25 -12.99 -17.15
N LEU E 77 -16.76 -13.02 -18.41
CA LEU E 77 -16.07 -14.17 -19.01
C LEU E 77 -14.63 -13.84 -19.32
N PHE E 78 -14.32 -12.56 -19.57
CA PHE E 78 -12.97 -12.17 -19.95
C PHE E 78 -12.41 -11.05 -19.08
N LEU E 79 -11.10 -11.12 -18.83
CA LEU E 79 -10.40 -10.12 -18.04
C LEU E 79 -10.04 -8.85 -18.87
N PRO E 80 -9.74 -7.67 -18.22
CA PRO E 80 -9.41 -6.46 -19.00
C PRO E 80 -8.29 -6.65 -20.03
N LEU E 81 -7.34 -7.55 -19.78
CA LEU E 81 -6.24 -7.84 -20.70
C LEU E 81 -6.74 -8.32 -22.07
N PHE E 82 -7.77 -9.17 -22.07
CA PHE E 82 -8.34 -9.75 -23.28
C PHE E 82 -8.79 -8.67 -24.24
N PHE E 83 -9.42 -7.61 -23.74
CA PHE E 83 -9.93 -6.53 -24.58
C PHE E 83 -8.84 -5.66 -25.19
N HIS E 84 -7.55 -5.94 -24.83
CA HIS E 84 -6.43 -5.21 -25.37
C HIS E 84 -5.68 -6.00 -26.46
N PHE E 85 -6.28 -7.10 -26.96
CA PHE E 85 -5.75 -7.77 -28.14
C PHE E 85 -6.17 -6.89 -29.32
N GLY E 86 -5.32 -6.80 -30.32
CA GLY E 86 -5.60 -5.95 -31.48
C GLY E 86 -6.76 -6.40 -32.35
N SER E 87 -6.82 -7.70 -32.61
CA SER E 87 -7.79 -8.35 -33.46
C SER E 87 -8.21 -9.66 -32.89
N THR E 88 -9.20 -10.30 -33.54
CA THR E 88 -9.64 -11.63 -33.13
C THR E 88 -8.52 -12.61 -33.48
N ARG E 89 -7.79 -12.34 -34.59
CA ARG E 89 -6.66 -13.17 -35.03
C ARG E 89 -5.52 -13.11 -34.01
N GLN E 90 -5.20 -11.90 -33.49
CA GLN E 90 -4.13 -11.73 -32.51
C GLN E 90 -4.42 -12.57 -31.25
N PHE E 91 -5.69 -12.58 -30.79
CA PHE E 91 -6.10 -13.37 -29.63
C PHE E 91 -5.97 -14.87 -29.94
N MET E 92 -6.47 -15.28 -31.11
CA MET E 92 -6.47 -16.66 -31.57
C MET E 92 -5.07 -17.22 -31.64
N ASP E 93 -4.14 -16.44 -32.20
CA ASP E 93 -2.75 -16.81 -32.32
C ASP E 93 -2.11 -16.97 -30.93
N LYS E 94 -2.48 -16.12 -29.96
CA LYS E 94 -1.99 -16.28 -28.58
C LYS E 94 -2.61 -17.53 -27.95
N LEU E 95 -3.94 -17.74 -28.12
CA LEU E 95 -4.65 -18.92 -27.60
C LEU E 95 -3.95 -20.18 -28.07
N HIS E 96 -3.67 -20.29 -29.40
CA HIS E 96 -2.96 -21.42 -30.00
C HIS E 96 -1.60 -21.63 -29.36
N GLU E 97 -0.86 -20.54 -29.11
CA GLU E 97 0.48 -20.54 -28.49
C GLU E 97 0.45 -21.19 -27.10
N VAL E 98 -0.55 -20.83 -26.28
CA VAL E 98 -0.71 -21.33 -24.92
C VAL E 98 -1.09 -22.81 -24.89
N ILE E 99 -2.21 -23.15 -25.57
CA ILE E 99 -2.84 -24.47 -25.74
C ILE E 99 -1.80 -25.52 -26.19
N SER E 100 -0.80 -25.08 -26.97
CA SER E 100 0.25 -25.92 -27.52
C SER E 100 1.40 -26.22 -26.53
N GLY E 101 1.31 -25.68 -25.32
CA GLY E 101 2.29 -25.93 -24.26
C GLY E 101 2.43 -27.41 -23.92
N ASP E 102 3.62 -27.78 -23.41
CA ASP E 102 3.95 -29.17 -23.05
C ASP E 102 3.32 -29.61 -21.70
N TYR E 103 1.97 -29.44 -21.58
CA TYR E 103 1.23 -29.83 -20.37
C TYR E 103 1.06 -31.34 -20.31
N GLU E 104 1.13 -31.87 -19.09
CA GLU E 104 0.86 -33.28 -18.82
C GLU E 104 -0.64 -33.37 -18.54
N PRO E 105 -1.33 -34.54 -18.62
CA PRO E 105 -2.79 -34.55 -18.38
C PRO E 105 -3.28 -33.96 -17.04
N SER E 106 -2.50 -34.10 -15.95
CA SER E 106 -2.84 -33.61 -14.60
C SER E 106 -2.87 -32.08 -14.50
N GLN E 107 -1.91 -31.42 -15.19
CA GLN E 107 -1.63 -29.97 -15.24
C GLN E 107 -2.79 -29.04 -15.70
N ALA E 108 -4.05 -29.50 -15.63
CA ALA E 108 -5.25 -28.75 -16.00
C ALA E 108 -5.34 -27.43 -15.22
N GLU E 109 -4.91 -27.40 -13.95
CA GLU E 109 -4.92 -26.19 -13.11
C GLU E 109 -3.91 -25.15 -13.64
N LYS E 110 -2.73 -25.59 -14.13
CA LYS E 110 -1.71 -24.70 -14.68
C LYS E 110 -2.24 -24.04 -15.92
N LEU E 111 -2.80 -24.85 -16.84
CA LEU E 111 -3.35 -24.38 -18.11
C LEU E 111 -4.38 -23.27 -17.85
N VAL E 112 -5.32 -23.49 -16.92
CA VAL E 112 -6.37 -22.54 -16.56
C VAL E 112 -5.73 -21.21 -16.09
N GLN E 113 -4.60 -21.31 -15.37
CA GLN E 113 -3.86 -20.14 -14.88
C GLN E 113 -3.17 -19.42 -16.04
N ASP E 114 -2.48 -20.18 -16.91
CA ASP E 114 -1.78 -19.65 -18.07
C ASP E 114 -2.76 -18.97 -19.07
N LEU E 115 -3.97 -19.53 -19.25
CA LEU E 115 -5.01 -18.97 -20.12
C LEU E 115 -5.51 -17.66 -19.54
N CYS E 116 -5.50 -17.58 -18.21
CA CYS E 116 -5.91 -16.39 -17.50
C CYS E 116 -4.83 -15.29 -17.64
N ASP E 117 -3.55 -15.64 -17.37
CA ASP E 117 -2.46 -14.69 -17.42
C ASP E 117 -2.14 -14.23 -18.86
N GLU E 118 -2.03 -15.17 -19.83
CA GLU E 118 -1.62 -14.89 -21.21
C GLU E 118 -2.75 -14.46 -22.15
N THR E 119 -3.96 -15.04 -22.05
CA THR E 119 -5.04 -14.68 -22.99
C THR E 119 -6.21 -13.91 -22.32
N GLY E 120 -6.21 -13.79 -21.01
CA GLY E 120 -7.25 -13.02 -20.35
C GLY E 120 -8.62 -13.68 -20.32
N ILE E 121 -8.63 -15.02 -20.25
CA ILE E 121 -9.86 -15.79 -20.11
C ILE E 121 -10.02 -16.06 -18.61
N ARG E 122 -11.13 -15.61 -18.04
CA ARG E 122 -11.41 -15.80 -16.62
C ARG E 122 -11.36 -17.31 -16.28
N LYS E 123 -10.59 -17.66 -15.23
CA LYS E 123 -10.32 -19.02 -14.73
C LYS E 123 -11.56 -19.90 -14.72
N ASN E 124 -12.70 -19.39 -14.20
CA ASN E 124 -13.93 -20.17 -14.11
C ASN E 124 -14.52 -20.50 -15.48
N PHE E 125 -14.39 -19.58 -16.46
CA PHE E 125 -14.85 -19.79 -17.83
C PHE E 125 -13.97 -20.85 -18.52
N SER E 126 -12.60 -20.79 -18.33
CA SER E 126 -11.65 -21.78 -18.86
C SER E 126 -12.04 -23.15 -18.35
N THR E 127 -12.33 -23.26 -17.03
CA THR E 127 -12.72 -24.53 -16.39
C THR E 127 -14.04 -25.03 -16.93
N SER E 128 -14.99 -24.10 -17.16
CA SER E 128 -16.29 -24.41 -17.75
C SER E 128 -16.07 -25.05 -19.12
N ILE E 129 -15.25 -24.37 -19.99
CA ILE E 129 -14.90 -24.82 -21.36
C ILE E 129 -14.25 -26.23 -21.31
N LEU E 130 -13.18 -26.44 -20.49
CA LEU E 130 -12.50 -27.74 -20.37
C LEU E 130 -13.46 -28.88 -20.04
N THR E 131 -14.39 -28.64 -19.09
CA THR E 131 -15.41 -29.58 -18.63
C THR E 131 -16.27 -30.06 -19.82
N CYS E 132 -16.77 -29.14 -20.66
CA CYS E 132 -17.61 -29.50 -21.80
C CYS E 132 -16.81 -29.97 -23.03
N LEU E 133 -15.46 -29.83 -23.00
CA LEU E 133 -14.62 -30.26 -24.12
C LEU E 133 -14.04 -31.66 -23.88
N SER E 134 -14.33 -32.23 -22.69
CA SER E 134 -13.85 -33.51 -22.19
C SER E 134 -12.33 -33.46 -21.96
N GLY E 135 -11.80 -32.23 -21.97
CA GLY E 135 -10.38 -31.97 -21.79
C GLY E 135 -9.57 -31.99 -23.08
N ASP E 136 -10.25 -32.16 -24.26
CA ASP E 136 -9.60 -32.19 -25.58
C ASP E 136 -9.17 -30.77 -25.98
N LEU E 137 -7.89 -30.44 -25.68
CA LEU E 137 -7.32 -29.11 -25.92
C LEU E 137 -7.35 -28.70 -27.38
N MET E 138 -7.43 -29.69 -28.28
CA MET E 138 -7.53 -29.52 -29.72
C MET E 138 -8.79 -28.74 -30.12
N VAL E 139 -9.90 -28.94 -29.38
CA VAL E 139 -11.20 -28.34 -29.64
C VAL E 139 -11.30 -26.89 -29.08
N PHE E 140 -10.36 -26.46 -28.19
CA PHE E 140 -10.34 -25.12 -27.57
C PHE E 140 -10.46 -23.99 -28.62
N PRO E 141 -9.63 -23.93 -29.68
CA PRO E 141 -9.79 -22.85 -30.67
C PRO E 141 -11.15 -22.88 -31.38
N ARG E 142 -11.67 -24.10 -31.63
CA ARG E 142 -12.97 -24.35 -32.26
C ARG E 142 -14.08 -23.74 -31.40
N TYR E 143 -13.94 -23.83 -30.06
CA TYR E 143 -14.94 -23.29 -29.15
C TYR E 143 -15.08 -21.80 -29.34
N PHE E 144 -13.95 -21.08 -29.31
CA PHE E 144 -13.93 -19.62 -29.36
C PHE E 144 -14.36 -19.07 -30.70
N LEU E 145 -13.93 -19.68 -31.80
CA LEU E 145 -14.30 -19.24 -33.15
C LEU E 145 -15.82 -19.30 -33.39
N ASN E 146 -16.46 -20.39 -32.93
CA ASN E 146 -17.90 -20.58 -33.06
C ASN E 146 -18.67 -19.72 -32.04
N MET E 147 -18.11 -19.50 -30.84
CA MET E 147 -18.70 -18.67 -29.79
C MET E 147 -18.79 -17.22 -30.28
N PHE E 148 -17.74 -16.77 -30.96
CA PHE E 148 -17.62 -15.40 -31.48
C PHE E 148 -18.40 -15.20 -32.79
N LYS E 149 -18.30 -16.14 -33.76
CA LYS E 149 -18.98 -16.05 -35.05
C LYS E 149 -20.49 -16.06 -34.88
N ASP E 150 -21.01 -17.06 -34.16
CA ASP E 150 -22.44 -17.26 -33.94
C ASP E 150 -23.04 -16.37 -32.81
N ASN E 151 -22.16 -15.72 -32.01
CA ASN E 151 -22.51 -14.83 -30.90
C ASN E 151 -23.41 -15.56 -29.87
N VAL E 152 -22.99 -16.79 -29.50
CA VAL E 152 -23.69 -17.68 -28.58
C VAL E 152 -22.68 -18.35 -27.64
N ASN E 153 -22.96 -18.32 -26.33
CA ASN E 153 -22.09 -18.99 -25.37
C ASN E 153 -22.92 -19.91 -24.44
N PRO E 154 -22.64 -21.23 -24.46
CA PRO E 154 -21.66 -21.93 -25.30
C PRO E 154 -22.21 -22.20 -26.72
N PRO E 155 -21.36 -22.49 -27.76
CA PRO E 155 -21.93 -22.82 -29.09
C PRO E 155 -22.77 -24.10 -28.98
N PRO E 156 -24.03 -24.16 -29.49
CA PRO E 156 -24.87 -25.34 -29.25
C PRO E 156 -24.48 -26.56 -30.09
N ASN E 157 -24.79 -26.54 -31.40
CA ASN E 157 -24.50 -27.67 -32.27
C ASN E 157 -23.09 -27.55 -32.91
N VAL E 158 -22.07 -27.97 -32.13
CA VAL E 158 -20.67 -28.04 -32.58
C VAL E 158 -20.08 -29.37 -32.08
N PRO E 159 -19.59 -30.24 -33.00
CA PRO E 159 -18.97 -31.52 -32.57
C PRO E 159 -17.82 -31.26 -31.62
N GLY E 160 -17.83 -31.90 -30.46
CA GLY E 160 -16.78 -31.74 -29.46
C GLY E 160 -17.15 -30.79 -28.33
N ILE E 161 -18.15 -29.94 -28.58
CA ILE E 161 -18.67 -28.99 -27.59
C ILE E 161 -19.96 -29.59 -27.05
N TRP E 162 -19.84 -30.23 -25.86
CA TRP E 162 -20.88 -30.94 -25.13
C TRP E 162 -21.77 -29.99 -24.33
N THR E 163 -22.99 -29.74 -24.85
CA THR E 163 -23.97 -28.87 -24.20
C THR E 163 -24.58 -29.57 -22.99
N HIS E 164 -25.37 -28.83 -22.19
CA HIS E 164 -26.07 -29.40 -21.04
C HIS E 164 -27.10 -30.43 -21.50
N ASP E 165 -27.85 -30.10 -22.56
CA ASP E 165 -28.89 -30.94 -23.17
C ASP E 165 -28.28 -32.22 -23.78
N ASP E 166 -27.00 -32.14 -24.26
CA ASP E 166 -26.25 -33.27 -24.80
C ASP E 166 -25.95 -34.26 -23.69
N ASP E 167 -25.61 -33.74 -22.50
CA ASP E 167 -25.30 -34.54 -21.31
C ASP E 167 -26.58 -35.19 -20.78
N GLU E 168 -27.73 -34.46 -20.83
CA GLU E 168 -29.05 -34.95 -20.41
C GLU E 168 -29.52 -36.10 -21.32
N SER E 169 -29.16 -36.02 -22.61
CA SER E 169 -29.47 -37.04 -23.63
C SER E 169 -28.63 -38.30 -23.37
N LEU E 170 -27.36 -38.13 -22.93
CA LEU E 170 -26.46 -39.23 -22.61
C LEU E 170 -26.91 -39.95 -21.34
N LYS E 171 -27.48 -39.20 -20.36
CA LYS E 171 -27.98 -39.72 -19.08
C LYS E 171 -29.09 -40.74 -19.33
N SER E 172 -30.04 -40.41 -20.24
CA SER E 172 -31.13 -41.31 -20.62
C SER E 172 -30.60 -42.41 -21.54
N ASN E 173 -31.08 -43.64 -21.34
CA ASN E 173 -30.69 -44.81 -22.14
C ASN E 173 -31.52 -44.89 -23.45
N ASP E 174 -32.19 -43.76 -23.83
CA ASP E 174 -33.01 -43.61 -25.04
C ASP E 174 -32.12 -43.62 -26.30
N GLN E 175 -32.25 -44.72 -27.11
CA GLN E 175 -31.48 -44.96 -28.32
C GLN E 175 -31.71 -43.90 -29.40
N GLU E 176 -32.88 -43.22 -29.38
CA GLU E 176 -33.21 -42.14 -30.31
C GLU E 176 -32.30 -40.92 -30.03
N GLN E 177 -32.23 -40.47 -28.75
CA GLN E 177 -31.39 -39.37 -28.29
C GLN E 177 -29.91 -39.70 -28.49
N ILE E 178 -29.51 -40.95 -28.17
CA ILE E 178 -28.14 -41.45 -28.27
C ILE E 178 -27.70 -41.48 -29.76
N ARG E 179 -28.62 -41.78 -30.72
CA ARG E 179 -28.27 -41.75 -32.16
C ARG E 179 -27.92 -40.32 -32.58
N LYS E 180 -28.74 -39.33 -32.14
CA LYS E 180 -28.55 -37.90 -32.42
C LYS E 180 -27.20 -37.38 -31.86
N LEU E 181 -26.85 -37.84 -30.63
CA LEU E 181 -25.59 -37.51 -29.94
C LEU E 181 -24.39 -38.00 -30.72
N VAL E 182 -24.41 -39.30 -31.07
CA VAL E 182 -23.33 -39.96 -31.79
C VAL E 182 -23.20 -39.39 -33.20
N LYS E 183 -24.30 -38.88 -33.80
CA LYS E 183 -24.25 -38.25 -35.12
C LYS E 183 -23.59 -36.86 -35.00
N LYS E 184 -23.64 -36.26 -33.79
CA LYS E 184 -23.05 -34.96 -33.53
C LYS E 184 -21.56 -35.08 -33.19
N HIS E 185 -21.21 -35.91 -32.19
CA HIS E 185 -19.83 -36.02 -31.70
C HIS E 185 -19.04 -37.25 -32.16
N GLY E 186 -19.72 -38.36 -32.46
CA GLY E 186 -19.07 -39.61 -32.86
C GLY E 186 -18.89 -40.57 -31.71
N THR E 187 -18.67 -41.87 -32.00
CA THR E 187 -18.47 -42.92 -30.97
C THR E 187 -17.23 -42.63 -30.10
N GLY E 188 -16.18 -42.03 -30.69
CA GLY E 188 -14.94 -41.70 -30.00
C GLY E 188 -15.18 -40.78 -28.82
N ARG E 189 -15.86 -39.65 -29.10
CA ARG E 189 -16.22 -38.62 -28.12
C ARG E 189 -17.27 -39.15 -27.14
N MET E 190 -18.10 -40.10 -27.59
CA MET E 190 -19.13 -40.74 -26.81
C MET E 190 -18.52 -41.55 -25.70
N GLU E 191 -17.56 -42.44 -26.04
CA GLU E 191 -16.86 -43.29 -25.08
C GLU E 191 -15.98 -42.45 -24.18
N MET E 192 -15.56 -41.25 -24.64
CA MET E 192 -14.78 -40.32 -23.84
C MET E 192 -15.64 -39.69 -22.74
N ARG E 193 -16.85 -39.24 -23.10
CA ARG E 193 -17.83 -38.64 -22.18
C ARG E 193 -18.34 -39.68 -21.20
N LYS E 194 -18.46 -40.95 -21.63
CA LYS E 194 -18.87 -42.04 -20.75
C LYS E 194 -17.81 -42.22 -19.66
N ARG E 195 -16.52 -42.42 -20.09
CA ARG E 195 -15.31 -42.59 -19.26
C ARG E 195 -15.14 -41.42 -18.29
N PHE E 196 -15.52 -40.21 -18.74
CA PHE E 196 -15.50 -38.95 -18.01
C PHE E 196 -16.48 -38.93 -16.86
N PHE E 197 -17.78 -39.19 -17.14
CA PHE E 197 -18.89 -39.13 -16.19
C PHE E 197 -18.99 -40.31 -15.21
N GLU E 198 -18.34 -41.47 -15.50
CA GLU E 198 -18.34 -42.60 -14.57
C GLU E 198 -17.29 -42.31 -13.46
N LYS E 199 -16.51 -41.23 -13.65
CA LYS E 199 -15.50 -40.70 -12.74
C LYS E 199 -16.01 -39.38 -12.12
N ASP E 200 -16.27 -38.32 -12.97
CA ASP E 200 -16.73 -36.98 -12.60
C ASP E 200 -18.09 -37.02 -11.91
N PHE F 1 -10.75 -26.13 -8.39
CA PHE F 1 -9.94 -26.96 -7.49
C PHE F 1 -10.49 -28.40 -7.41
N THR F 2 -11.84 -28.53 -7.34
CA THR F 2 -12.56 -29.81 -7.28
C THR F 2 -12.59 -30.45 -8.68
N VAL F 3 -13.13 -29.70 -9.67
CA VAL F 3 -13.26 -30.14 -11.07
C VAL F 3 -11.88 -30.33 -11.72
N LEU F 4 -10.93 -29.39 -11.47
CA LEU F 4 -9.57 -29.34 -12.04
C LEU F 4 -8.63 -30.49 -11.61
N ARG F 5 -8.84 -31.03 -10.39
CA ARG F 5 -8.05 -32.15 -9.87
C ARG F 5 -8.37 -33.42 -10.70
N LYS F 6 -9.69 -33.69 -10.88
CA LYS F 6 -10.26 -34.82 -11.62
C LYS F 6 -10.12 -34.68 -13.16
N LEU F 7 -10.13 -33.42 -13.69
CA LEU F 7 -10.06 -33.13 -15.14
C LEU F 7 -8.71 -33.52 -15.74
N ASN F 8 -8.77 -34.35 -16.79
CA ASN F 8 -7.58 -34.80 -17.47
C ASN F 8 -7.48 -34.16 -18.85
N LEU F 9 -6.30 -33.59 -19.14
CA LEU F 9 -5.99 -32.91 -20.41
C LEU F 9 -5.61 -33.89 -21.51
N VAL F 10 -5.92 -33.53 -22.76
CA VAL F 10 -5.58 -34.28 -23.97
C VAL F 10 -4.64 -33.34 -24.78
N PRO F 11 -3.35 -33.27 -24.38
CA PRO F 11 -2.40 -32.33 -25.03
C PRO F 11 -2.24 -32.48 -26.54
N ILE F 12 -1.67 -31.43 -27.17
CA ILE F 12 -1.46 -31.33 -28.61
C ILE F 12 -0.12 -32.04 -29.03
N LYS F 13 -0.14 -32.69 -30.21
CA LYS F 13 0.99 -33.39 -30.84
C LYS F 13 2.04 -32.39 -31.38
S SO4 G . 0.15 0.06 -10.58
O1 SO4 G . 0.65 -1.01 -9.72
O2 SO4 G . 0.29 1.36 -9.89
O3 SO4 G . 0.85 0.13 -11.85
O4 SO4 G . -1.23 -0.19 -10.88
S SO4 H . -6.93 20.29 -18.17
O1 SO4 H . -8.03 20.53 -19.11
O2 SO4 H . -7.09 21.17 -17.00
O3 SO4 H . -6.93 18.90 -17.73
O4 SO4 H . -5.66 20.55 -18.83
S SO4 I . -10.37 19.78 -21.77
O1 SO4 I . -11.30 20.12 -20.70
O2 SO4 I . -9.62 18.56 -21.43
O3 SO4 I . -11.11 19.57 -23.01
O4 SO4 I . -9.41 20.87 -21.93
S SO4 J . -0.34 -0.48 11.10
O1 SO4 J . -0.58 -1.80 10.52
O2 SO4 J . 0.31 -0.70 12.37
O3 SO4 J . 0.48 0.33 10.19
O4 SO4 J . -1.56 0.26 11.31
S SO4 K . 23.89 -10.15 34.46
O1 SO4 K . 22.94 -10.63 33.47
O2 SO4 K . 23.26 -9.08 35.27
O3 SO4 K . 24.23 -11.28 35.32
O4 SO4 K . 25.13 -9.69 33.79
S SO4 L . -2.01 -13.72 1.77
O1 SO4 L . -1.11 -14.83 1.43
O2 SO4 L . -3.03 -14.20 2.71
O3 SO4 L . -1.23 -12.64 2.36
O4 SO4 L . -2.66 -13.23 0.55
S SO4 M . 20.86 -5.50 36.02
O1 SO4 M . 21.98 -4.68 36.46
O2 SO4 M . 21.08 -6.91 36.43
O3 SO4 M . 19.59 -4.98 36.60
O4 SO4 M . 20.78 -5.46 34.57
S SO4 N . -6.85 19.34 11.83
O1 SO4 N . -7.67 20.31 12.55
O2 SO4 N . -6.40 19.96 10.58
O3 SO4 N . -5.67 18.96 12.60
O4 SO4 N . -7.67 18.15 11.55
S SO4 O . -13.01 -15.64 -12.36
O1 SO4 O . -11.73 -15.45 -13.10
O2 SO4 O . -12.70 -16.56 -11.27
O3 SO4 O . -13.49 -14.37 -11.81
O4 SO4 O . -14.09 -16.19 -13.19
S SO4 P . 4.31 -26.08 -19.81
O1 SO4 P . 3.79 -25.94 -21.17
O2 SO4 P . 3.27 -26.63 -18.95
O3 SO4 P . 5.46 -26.99 -19.81
O4 SO4 P . 4.72 -24.78 -19.31
#